data_2HPI
#
_entry.id   2HPI
#
_cell.length_a   175.146
_cell.length_b   186.875
_cell.length_c   125.834
_cell.angle_alpha   90.00
_cell.angle_beta   90.00
_cell.angle_gamma   90.00
#
_symmetry.space_group_name_H-M   'C 2 2 21'
#
loop_
_entity.id
_entity.type
_entity.pdbx_description
1 polymer 'DNA polymerase III alpha subunit'
2 non-polymer 'ZINC ION'
3 non-polymer 'MAGNESIUM ION'
4 non-polymer 'CHLORIDE ION'
5 water water
#
_entity_poly.entity_id   1
_entity_poly.type   'polypeptide(L)'
_entity_poly.pdbx_seq_one_letter_code
;MGSKLKFAHLHQHTQFSLLDGAAKLQDLLKWVKETTPEDPALAMTDHGNLFGAVEFYKKATAMGVKPIIGYEAYVAAESR
FDRKRGKGLDGGYFHLTLLAKDFTGYQNLVRLASRAYLEGFYEKPRIDREILREHAQGLIALSGCLGAEIPQFILQDRLD
LAEARLNEDLSIFGDRFFIEIQNHGLPEQKKVNQVLKEFARKYGLGMVATNDGHYVRKEDARAHEVLLAIQSKTTLDDPE
RWRFPCDEFYVKTPEEMRAMLPEAEWGDEPFDNTVEIARMCDVDLPIGDKMVYRIPRFPLPEGRTEAQYLRELTFLGLLR
RYPDRITEAFYREVLRLLGTMPPHGDERALAEALARVEEKAWEELRKRLPPLEGVREWTAEAILHRALYELSVIERMGFP
GYFLIVQDYINWARGHGVSVGPGRGSAAGSLVAYAVGITNIDPLRFGLLFERFLNPERVSMPDIDTDFSDRERDRVIQYV
RERYGEDKVAQIGTFGSLASKAALKDVARVYGIPHKKAEELAKLIPVQFGKPKPLQEAIQVVPELRAEMEKDERIRQVIE
VAMRLEGLNRHASVHAAGVVIAAEPLTDLVPLMRDQEGRPVTQYDMGAVEALGLLKMDFLGLRTLTFLDEARRIVKESKG
VELDYDRLPLDDPKTFELLSRGETKGVFQLESGGMTATVRGLKPRRLEDIIALVSLYRPGPMEHIPTYIRRHHGQEPVSY
AEFPHAEKYLRPILDETYGIPVYQEQIMQIASQVAGYSLGEADLLRRAMGKKRVEEMQKHRERFVRGAKERGVPEEEANR
LFDMLEAFANYGFNKSHAAAYSLLSYQTAYVKAHYPVEFMAALLSVERHDSDKVAEYIRDARALGIPVLPPDVNRSGFDF
KVVGEEILFGLSAVKNVGEMAARAILEERERGGPFKSLGDFLKRLPEQVVNKRALESLVKAGALDAFGDRARLLASLEPL
LRWAAETRERGRSGLVGLFAEVEEPPLVEASPLDEITMLRYEKEALGIYVSGHPVLRYPGLREVASCTIEELSEFVRELP
GKPKVLLSGMVEEVVRKPTRSGGMMARFTLSDETGALEVVVFGRAYEGVSPKLKEDIPLLVLAEVEKGEELRVLAQAVWT
LEEVLEAPKALEVEVDHALLDEKGVARLKSLLDEHPGSLPVYLRVLGPFGEALFALREVRVGEEALGLLEAEGYRAYLVP
DREVFLQGNGGGPKEEVVPF
;
_entity_poly.pdbx_strand_id   A
#
# COMPACT_ATOMS: atom_id res chain seq x y z
N LEU A 5 29.84 -22.91 38.13
CA LEU A 5 29.74 -21.47 37.74
C LEU A 5 28.85 -21.26 36.51
N LYS A 6 27.70 -20.64 36.72
CA LYS A 6 26.80 -20.30 35.61
C LYS A 6 26.57 -18.79 35.51
N PHE A 7 25.79 -18.37 34.52
CA PHE A 7 25.52 -16.96 34.29
C PHE A 7 24.32 -16.76 33.36
N ALA A 8 23.52 -15.74 33.65
CA ALA A 8 22.34 -15.41 32.84
C ALA A 8 22.34 -13.94 32.42
N HIS A 9 22.50 -13.70 31.12
CA HIS A 9 22.52 -12.35 30.59
C HIS A 9 21.20 -11.63 30.83
N LEU A 10 21.28 -10.45 31.47
CA LEU A 10 20.09 -9.66 31.81
C LEU A 10 20.03 -8.32 31.09
N HIS A 11 21.11 -7.97 30.40
CA HIS A 11 21.15 -6.79 29.54
C HIS A 11 21.61 -7.26 28.17
N GLN A 12 20.65 -7.62 27.35
CA GLN A 12 20.93 -8.11 26.01
C GLN A 12 20.06 -7.39 24.98
N HIS A 13 20.69 -6.92 23.90
CA HIS A 13 19.96 -6.24 22.83
C HIS A 13 19.70 -7.20 21.70
N THR A 14 18.55 -7.04 21.06
CA THR A 14 18.18 -7.91 19.97
C THR A 14 18.06 -7.14 18.66
N GLN A 15 17.57 -7.80 17.63
CA GLN A 15 17.31 -7.16 16.34
C GLN A 15 16.31 -6.03 16.47
N PHE A 16 15.71 -5.89 17.65
CA PHE A 16 14.64 -4.92 17.85
C PHE A 16 15.09 -3.58 18.38
N SER A 17 16.35 -3.49 18.80
CA SER A 17 17.02 -2.21 18.93
C SER A 17 17.44 -1.82 17.51
N LEU A 18 16.49 -1.27 16.77
CA LEU A 18 16.58 -1.10 15.32
C LEU A 18 17.83 -0.39 14.78
N LEU A 19 18.43 0.49 15.58
CA LEU A 19 19.59 1.24 15.10
C LEU A 19 20.91 0.52 15.30
N ASP A 20 21.09 -0.14 16.45
CA ASP A 20 22.38 -0.77 16.77
C ASP A 20 22.33 -2.25 17.16
N GLY A 21 21.13 -2.84 17.19
CA GLY A 21 20.96 -4.25 17.53
C GLY A 21 21.19 -5.20 16.36
N ALA A 22 22.05 -6.21 16.57
CA ALA A 22 22.41 -7.14 15.51
C ALA A 22 22.13 -8.61 15.84
N ALA A 23 21.66 -8.86 17.06
CA ALA A 23 21.38 -10.23 17.49
C ALA A 23 20.00 -10.71 17.04
N LYS A 24 19.98 -11.64 16.09
CA LYS A 24 18.73 -12.21 15.61
C LYS A 24 18.11 -13.09 16.70
N LEU A 25 16.78 -13.04 16.81
CA LEU A 25 16.06 -13.65 17.93
C LEU A 25 16.26 -15.16 18.02
N GLN A 26 16.38 -15.81 16.88
CA GLN A 26 16.53 -17.26 16.84
C GLN A 26 17.91 -17.76 17.27
N ASP A 27 18.96 -17.42 16.51
CA ASP A 27 20.31 -17.93 16.83
C ASP A 27 20.86 -17.42 18.15
N LEU A 28 20.30 -16.33 18.66
CA LEU A 28 20.61 -15.82 20.00
C LEU A 28 20.09 -16.77 21.07
N LEU A 29 18.85 -17.21 20.91
CA LEU A 29 18.23 -18.14 21.86
C LEU A 29 18.83 -19.54 21.87
N LYS A 30 19.38 -19.99 20.75
CA LYS A 30 20.06 -21.29 20.75
C LYS A 30 21.46 -21.18 21.36
N TRP A 31 22.11 -20.03 21.18
CA TRP A 31 23.45 -19.80 21.74
C TRP A 31 23.41 -19.73 23.26
N VAL A 32 22.34 -19.17 23.79
CA VAL A 32 22.11 -19.16 25.23
C VAL A 32 21.83 -20.58 25.72
N LYS A 33 21.04 -21.32 24.94
CA LYS A 33 20.65 -22.70 25.25
C LYS A 33 21.84 -23.66 25.21
N GLU A 34 22.69 -23.51 24.20
CA GLU A 34 23.86 -24.38 24.01
C GLU A 34 24.98 -24.09 25.01
N THR A 35 25.06 -22.85 25.48
CA THR A 35 26.04 -22.48 26.49
C THR A 35 25.61 -22.97 27.87
N THR A 36 24.42 -22.57 28.31
CA THR A 36 23.88 -22.98 29.61
C THR A 36 22.65 -23.87 29.40
N PRO A 37 22.85 -25.21 29.45
CA PRO A 37 21.71 -26.13 29.35
C PRO A 37 20.80 -26.11 30.58
N GLU A 38 21.39 -25.80 31.74
CA GLU A 38 20.65 -25.78 33.01
C GLU A 38 19.87 -24.48 33.21
N ASP A 39 18.55 -24.61 33.32
CA ASP A 39 17.63 -23.50 33.61
C ASP A 39 17.98 -22.19 32.88
N PRO A 40 18.10 -22.22 31.54
CA PRO A 40 18.63 -21.07 30.83
C PRO A 40 17.68 -19.89 30.85
N ALA A 41 18.22 -18.69 31.03
CA ALA A 41 17.42 -17.49 31.03
C ALA A 41 18.05 -16.37 30.20
N LEU A 42 17.20 -15.55 29.61
CA LEU A 42 17.65 -14.38 28.85
C LEU A 42 16.65 -13.26 28.97
N ALA A 43 17.17 -12.05 29.20
CA ALA A 43 16.34 -10.85 29.23
C ALA A 43 16.49 -10.07 27.93
N MET A 44 15.35 -9.71 27.36
CA MET A 44 15.30 -8.84 26.21
C MET A 44 15.22 -7.41 26.73
N THR A 45 16.32 -6.67 26.65
CA THR A 45 16.32 -5.25 27.03
C THR A 45 16.72 -4.38 25.84
N ASP A 46 15.73 -3.97 25.04
CA ASP A 46 16.00 -3.16 23.87
C ASP A 46 15.95 -1.64 24.13
N HIS A 47 16.60 -0.88 23.24
CA HIS A 47 16.70 0.58 23.36
C HIS A 47 15.34 1.25 23.17
N GLY A 48 14.71 1.59 24.29
CA GLY A 48 13.50 2.42 24.31
C GLY A 48 12.32 1.91 23.50
N ASN A 49 12.09 0.60 23.57
CA ASN A 49 10.93 -0.01 22.90
C ASN A 49 10.66 -1.43 23.40
N LEU A 50 9.49 -1.95 23.05
CA LEU A 50 9.05 -3.26 23.48
C LEU A 50 8.67 -4.14 22.28
N PHE A 51 9.14 -3.75 21.10
CA PHE A 51 8.78 -4.41 19.83
C PHE A 51 8.84 -5.94 19.87
N GLY A 52 10.01 -6.48 20.22
CA GLY A 52 10.25 -7.91 20.21
C GLY A 52 9.47 -8.71 21.25
N ALA A 53 9.15 -8.08 22.37
CA ALA A 53 8.49 -8.74 23.52
C ALA A 53 7.72 -10.02 23.23
N VAL A 54 6.64 -9.93 22.46
CA VAL A 54 5.76 -11.08 22.22
C VAL A 54 6.44 -12.22 21.45
N GLU A 55 7.07 -11.91 20.33
CA GLU A 55 7.78 -12.91 19.53
C GLU A 55 8.95 -13.52 20.30
N PHE A 56 9.63 -12.71 21.11
CA PHE A 56 10.72 -13.17 21.97
C PHE A 56 10.20 -14.16 23.01
N TYR A 57 9.09 -13.81 23.66
CA TYR A 57 8.46 -14.68 24.64
C TYR A 57 8.07 -16.02 24.04
N LYS A 58 7.46 -16.00 22.86
CA LYS A 58 6.96 -17.24 22.25
C LYS A 58 8.03 -18.10 21.56
N LYS A 59 9.14 -17.48 21.17
CA LYS A 59 10.27 -18.23 20.60
C LYS A 59 11.14 -18.87 21.67
N ALA A 60 11.38 -18.14 22.75
CA ALA A 60 12.15 -18.64 23.89
C ALA A 60 11.37 -19.71 24.64
N THR A 61 10.06 -19.52 24.74
CA THR A 61 9.20 -20.45 25.47
C THR A 61 9.11 -21.82 24.78
N ALA A 62 9.22 -21.82 23.46
CA ALA A 62 9.16 -23.05 22.67
C ALA A 62 10.55 -23.69 22.49
N MET A 63 11.57 -23.01 23.00
CA MET A 63 12.93 -23.53 22.99
C MET A 63 13.40 -23.97 24.37
N GLY A 64 12.55 -23.77 25.38
CA GLY A 64 12.86 -24.16 26.75
C GLY A 64 13.71 -23.15 27.50
N VAL A 65 13.92 -21.98 26.91
CA VAL A 65 14.59 -20.87 27.58
C VAL A 65 13.54 -20.05 28.31
N LYS A 66 13.89 -19.54 29.49
CA LYS A 66 13.00 -18.66 30.22
C LYS A 66 13.24 -17.22 29.79
N PRO A 67 12.22 -16.60 29.17
CA PRO A 67 12.35 -15.22 28.71
C PRO A 67 12.17 -14.24 29.86
N ILE A 68 12.84 -13.10 29.78
CA ILE A 68 12.61 -12.00 30.72
C ILE A 68 12.40 -10.73 29.91
N ILE A 69 11.25 -10.11 30.09
CA ILE A 69 10.90 -8.92 29.31
C ILE A 69 11.47 -7.68 29.98
N GLY A 70 12.38 -7.02 29.26
CA GLY A 70 13.10 -5.87 29.76
C GLY A 70 13.04 -4.69 28.81
N TYR A 71 13.63 -3.59 29.25
CA TYR A 71 13.52 -2.32 28.58
C TYR A 71 14.71 -1.49 29.00
N GLU A 72 15.54 -1.07 28.05
CA GLU A 72 16.57 -0.06 28.35
C GLU A 72 15.99 1.31 28.03
N ALA A 73 15.48 1.95 29.07
CA ALA A 73 14.81 3.24 28.94
C ALA A 73 15.78 4.37 28.67
N TYR A 74 15.38 5.27 27.78
CA TYR A 74 16.00 6.58 27.73
C TYR A 74 15.27 7.39 28.78
N VAL A 75 16.02 7.89 29.77
CA VAL A 75 15.43 8.70 30.84
C VAL A 75 15.93 10.13 30.70
N ALA A 76 14.98 11.07 30.67
CA ALA A 76 15.28 12.48 30.50
C ALA A 76 15.93 13.05 31.74
N ALA A 77 16.90 13.94 31.51
CA ALA A 77 17.59 14.64 32.56
C ALA A 77 16.62 15.20 33.60
N GLU A 78 15.59 15.91 33.13
CA GLU A 78 14.55 16.42 34.03
C GLU A 78 13.15 15.88 33.67
N SER A 79 12.38 16.64 32.88
CA SER A 79 11.05 16.22 32.46
C SER A 79 11.00 15.70 31.03
N ARG A 80 10.09 14.76 30.77
CA ARG A 80 9.92 14.14 29.47
C ARG A 80 9.33 15.12 28.47
N PHE A 81 8.83 16.24 28.98
CA PHE A 81 8.27 17.28 28.11
C PHE A 81 9.34 18.24 27.62
N ASP A 82 10.52 18.20 28.24
CA ASP A 82 11.62 19.07 27.85
C ASP A 82 11.97 18.88 26.39
N ARG A 83 12.07 19.98 25.67
CA ARG A 83 12.57 19.96 24.30
C ARG A 83 13.80 20.87 24.30
N LYS A 84 14.72 20.54 25.20
CA LYS A 84 15.86 21.40 25.48
C LYS A 84 16.99 21.13 24.49
N ARG A 85 17.52 22.21 23.92
CA ARG A 85 18.52 22.15 22.85
C ARG A 85 19.92 22.55 23.34
N GLY A 91 19.73 19.59 29.94
CA GLY A 91 20.52 18.42 29.57
C GLY A 91 19.90 17.56 28.49
N GLY A 92 20.33 16.30 28.40
CA GLY A 92 19.85 15.36 27.40
C GLY A 92 19.04 14.22 27.97
N TYR A 93 19.53 13.00 27.79
CA TYR A 93 18.88 11.79 28.29
C TYR A 93 19.90 10.68 28.61
N PHE A 94 19.53 9.80 29.54
CA PHE A 94 20.42 8.77 30.04
C PHE A 94 19.80 7.39 29.86
N HIS A 95 20.60 6.34 30.06
CA HIS A 95 20.11 4.98 29.97
C HIS A 95 19.67 4.46 31.34
N LEU A 96 18.76 3.49 31.33
CA LEU A 96 18.39 2.74 32.52
C LEU A 96 17.86 1.35 32.16
N THR A 97 18.45 0.32 32.78
CA THR A 97 18.00 -1.06 32.57
C THR A 97 16.83 -1.40 33.49
N LEU A 98 15.73 -1.83 32.89
CA LEU A 98 14.54 -2.22 33.63
C LEU A 98 14.11 -3.63 33.27
N LEU A 99 13.70 -4.40 34.28
CA LEU A 99 13.20 -5.75 34.09
C LEU A 99 11.86 -5.95 34.80
N ALA A 100 10.94 -6.65 34.14
CA ALA A 100 9.64 -6.93 34.73
C ALA A 100 9.71 -8.25 35.49
N LYS A 101 9.35 -8.22 36.78
CA LYS A 101 9.41 -9.45 37.60
C LYS A 101 8.10 -10.21 37.69
N ASP A 102 6.98 -9.50 37.53
CA ASP A 102 5.66 -10.15 37.44
C ASP A 102 4.80 -9.42 36.40
N PHE A 103 3.56 -9.87 36.21
CA PHE A 103 2.71 -9.32 35.14
C PHE A 103 2.35 -7.84 35.31
N THR A 104 2.16 -7.39 36.55
CA THR A 104 1.97 -5.97 36.81
C THR A 104 3.22 -5.23 36.35
N GLY A 105 4.38 -5.83 36.61
CA GLY A 105 5.64 -5.36 36.07
C GLY A 105 5.57 -5.25 34.56
N TYR A 106 5.13 -6.32 33.90
CA TYR A 106 4.97 -6.30 32.45
C TYR A 106 4.10 -5.12 32.02
N GLN A 107 2.92 -4.98 32.62
CA GLN A 107 1.98 -3.91 32.27
C GLN A 107 2.62 -2.53 32.39
N ASN A 108 3.32 -2.29 33.50
CA ASN A 108 4.00 -1.02 33.72
C ASN A 108 5.08 -0.71 32.69
N LEU A 109 5.81 -1.73 32.24
CA LEU A 109 6.73 -1.55 31.13
C LEU A 109 5.95 -1.10 29.92
N VAL A 110 4.82 -1.74 29.66
CA VAL A 110 3.97 -1.41 28.52
C VAL A 110 3.52 0.05 28.55
N ARG A 111 3.13 0.53 29.73
CA ARG A 111 2.74 1.94 29.90
C ARG A 111 3.92 2.88 29.71
N LEU A 112 5.04 2.60 30.37
CA LEU A 112 6.25 3.40 30.23
C LEU A 112 6.71 3.49 28.77
N ALA A 113 6.85 2.34 28.11
CA ALA A 113 7.25 2.28 26.70
C ALA A 113 6.30 3.09 25.83
N SER A 114 5.02 3.08 26.19
CA SER A 114 3.99 3.81 25.47
C SER A 114 4.16 5.29 25.68
N ARG A 115 4.26 5.68 26.95
CA ARG A 115 4.35 7.07 27.34
C ARG A 115 5.61 7.73 26.82
N ALA A 116 6.72 6.98 26.80
CA ALA A 116 7.98 7.43 26.21
C ALA A 116 7.80 7.93 24.77
N TYR A 117 6.94 7.24 24.02
CA TYR A 117 6.64 7.63 22.65
C TYR A 117 5.56 8.71 22.55
N LEU A 118 4.50 8.57 23.33
CA LEU A 118 3.34 9.46 23.20
C LEU A 118 3.52 10.81 23.88
N GLU A 119 4.24 10.83 25.00
CA GLU A 119 4.42 12.06 25.77
C GLU A 119 5.87 12.55 25.78
N GLY A 120 6.81 11.62 25.64
CA GLY A 120 8.20 11.94 25.90
C GLY A 120 9.16 11.82 24.75
N PHE A 121 8.65 11.92 23.53
CA PHE A 121 9.50 11.74 22.36
C PHE A 121 10.16 13.00 21.90
N TYR A 122 11.47 13.12 22.16
CA TYR A 122 12.24 14.23 21.61
C TYR A 122 13.08 13.78 20.41
N GLU A 123 14.23 13.15 20.64
CA GLU A 123 15.00 12.56 19.55
C GLU A 123 14.81 11.07 19.61
N LYS A 124 14.80 10.59 20.85
CA LYS A 124 14.50 9.22 21.23
C LYS A 124 13.23 9.27 22.09
N PRO A 125 12.56 8.12 22.31
CA PRO A 125 11.42 8.12 23.21
C PRO A 125 11.91 8.07 24.65
N ARG A 126 11.60 9.11 25.43
CA ARG A 126 12.13 9.22 26.78
C ARG A 126 11.08 9.19 27.87
N ILE A 127 11.46 8.73 29.05
CA ILE A 127 10.59 8.71 30.22
C ILE A 127 11.13 9.61 31.33
N ASP A 128 10.35 9.73 32.39
CA ASP A 128 10.67 10.60 33.52
C ASP A 128 10.98 9.77 34.74
N ARG A 129 11.77 10.34 35.63
CA ARG A 129 11.87 9.79 36.97
C ARG A 129 10.54 9.98 37.68
N GLU A 130 9.77 10.98 37.26
CA GLU A 130 8.41 11.14 37.75
C GLU A 130 7.57 9.92 37.35
N ILE A 131 7.45 9.68 36.05
CA ILE A 131 6.56 8.61 35.57
C ILE A 131 7.06 7.21 35.90
N LEU A 132 8.39 7.07 36.07
CA LEU A 132 8.99 5.82 36.58
C LEU A 132 8.47 5.51 37.94
N ARG A 133 8.46 6.52 38.80
CA ARG A 133 7.97 6.41 40.16
C ARG A 133 6.51 5.99 40.14
N GLU A 134 5.74 6.52 39.18
CA GLU A 134 4.33 6.18 39.03
C GLU A 134 4.17 4.71 38.63
N HIS A 135 5.02 4.24 37.72
CA HIS A 135 4.90 2.88 37.20
C HIS A 135 6.04 1.98 37.66
N ALA A 136 6.45 2.12 38.92
CA ALA A 136 7.58 1.37 39.43
C ALA A 136 7.19 -0.01 39.96
N GLN A 137 5.91 -0.17 40.27
CA GLN A 137 5.40 -1.42 40.83
C GLN A 137 5.60 -2.61 39.89
N GLY A 138 6.34 -3.60 40.36
CA GLY A 138 6.63 -4.81 39.59
C GLY A 138 7.89 -4.71 38.75
N LEU A 139 8.73 -3.74 39.04
CA LEU A 139 9.96 -3.53 38.26
C LEU A 139 11.24 -3.66 39.07
N ILE A 140 12.20 -4.39 38.51
CA ILE A 140 13.58 -4.40 38.98
C ILE A 140 14.37 -3.42 38.09
N ALA A 141 15.23 -2.63 38.71
CA ALA A 141 16.04 -1.69 37.95
C ALA A 141 17.51 -1.97 38.20
N LEU A 142 18.34 -1.73 37.20
CA LEU A 142 19.79 -1.85 37.36
C LEU A 142 20.48 -0.54 36.99
N SER A 143 21.50 -0.16 37.76
CA SER A 143 22.20 1.14 37.64
C SER A 143 22.54 1.55 36.20
N GLY A 144 22.73 0.57 35.31
CA GLY A 144 22.84 0.83 33.89
C GLY A 144 24.24 0.97 33.32
N CYS A 145 24.30 1.06 31.98
CA CYS A 145 25.56 1.17 31.24
C CYS A 145 26.23 2.52 31.46
N LEU A 146 27.43 2.68 30.92
CA LEU A 146 28.19 3.92 31.03
C LEU A 146 27.38 5.17 30.69
N GLY A 147 26.40 5.01 29.81
CA GLY A 147 25.55 6.12 29.39
C GLY A 147 24.43 6.45 30.34
N ALA A 148 24.31 5.66 31.42
CA ALA A 148 23.28 5.85 32.44
C ALA A 148 23.68 6.99 33.37
N GLU A 149 22.76 7.39 34.25
CA GLU A 149 22.94 8.59 35.09
C GLU A 149 24.09 8.48 36.10
N ILE A 150 24.03 7.47 36.98
CA ILE A 150 25.00 7.32 38.07
C ILE A 150 26.46 7.17 37.59
N PRO A 151 26.74 6.17 36.72
CA PRO A 151 28.09 6.07 36.14
C PRO A 151 28.52 7.35 35.43
N GLN A 152 27.58 7.98 34.73
CA GLN A 152 27.85 9.26 34.06
C GLN A 152 28.29 10.35 35.04
N PHE A 153 27.59 10.47 36.17
CA PHE A 153 27.95 11.46 37.19
C PHE A 153 29.32 11.15 37.76
N ILE A 154 29.60 9.86 37.93
CA ILE A 154 30.87 9.42 38.50
C ILE A 154 32.03 9.84 37.60
N LEU A 155 31.86 9.65 36.29
CA LEU A 155 32.83 10.07 35.29
C LEU A 155 33.12 11.58 35.31
N GLN A 156 32.11 12.36 35.67
CA GLN A 156 32.20 13.83 35.67
C GLN A 156 32.73 14.38 36.99
N ASP A 157 33.14 13.49 37.89
CA ASP A 157 33.68 13.85 39.19
C ASP A 157 32.65 14.47 40.13
N ARG A 158 31.38 14.33 39.78
CA ARG A 158 30.30 14.82 40.62
C ARG A 158 29.73 13.66 41.43
N LEU A 159 30.54 13.18 42.38
CA LEU A 159 30.15 12.07 43.24
C LEU A 159 28.91 12.40 44.07
N ASP A 160 28.79 13.66 44.45
CA ASP A 160 27.64 14.17 45.21
C ASP A 160 26.30 14.05 44.46
N LEU A 161 26.31 14.33 43.15
CA LEU A 161 25.12 14.19 42.34
C LEU A 161 24.76 12.72 42.15
N ALA A 162 25.79 11.88 41.97
CA ALA A 162 25.61 10.45 41.76
C ALA A 162 24.99 9.77 42.97
N GLU A 163 25.49 10.08 44.17
CA GLU A 163 24.91 9.52 45.39
C GLU A 163 23.50 10.05 45.63
N ALA A 164 23.31 11.35 45.37
CA ALA A 164 21.99 11.96 45.44
C ALA A 164 21.02 11.29 44.47
N ARG A 165 21.51 10.97 43.27
CA ARG A 165 20.67 10.27 42.30
C ARG A 165 20.44 8.80 42.72
N LEU A 166 21.46 8.20 43.31
CA LEU A 166 21.33 6.85 43.85
C LEU A 166 20.21 6.80 44.89
N ASN A 167 20.22 7.78 45.80
CA ASN A 167 19.15 7.90 46.80
C ASN A 167 17.77 8.08 46.16
N GLU A 168 17.69 8.93 45.14
CA GLU A 168 16.43 9.18 44.46
C GLU A 168 15.84 7.86 43.94
N ASP A 169 16.67 7.07 43.25
CA ASP A 169 16.26 5.79 42.71
C ASP A 169 15.92 4.76 43.78
N LEU A 170 16.63 4.80 44.91
CA LEU A 170 16.36 3.90 46.03
C LEU A 170 14.99 4.20 46.62
N SER A 171 14.66 5.49 46.62
CA SER A 171 13.36 5.97 47.05
C SER A 171 12.24 5.52 46.10
N ILE A 172 12.60 5.12 44.88
CA ILE A 172 11.61 4.68 43.88
C ILE A 172 11.43 3.16 43.86
N PHE A 173 12.54 2.43 43.84
CA PHE A 173 12.53 0.98 43.62
C PHE A 173 12.75 0.12 44.87
N GLY A 174 13.18 0.74 45.96
CA GLY A 174 13.47 0.00 47.19
C GLY A 174 14.61 -0.97 46.98
N ASP A 175 14.41 -2.22 47.40
CA ASP A 175 15.42 -3.27 47.23
C ASP A 175 15.34 -3.95 45.87
N ARG A 176 14.64 -3.33 44.92
CA ARG A 176 14.59 -3.82 43.56
C ARG A 176 15.54 -3.00 42.70
N PHE A 177 16.44 -2.27 43.36
CA PHE A 177 17.48 -1.53 42.67
C PHE A 177 18.81 -2.24 42.86
N PHE A 178 19.52 -2.49 41.77
CA PHE A 178 20.80 -3.16 41.86
C PHE A 178 21.88 -2.34 41.19
N ILE A 179 23.11 -2.45 41.69
CA ILE A 179 24.23 -1.80 41.03
C ILE A 179 24.67 -2.69 39.87
N GLU A 180 24.54 -2.16 38.66
CA GLU A 180 24.90 -2.91 37.45
C GLU A 180 26.38 -2.75 37.17
N ILE A 181 27.05 -3.90 37.02
CA ILE A 181 28.48 -3.93 36.81
C ILE A 181 28.84 -4.67 35.53
N GLN A 182 29.38 -3.92 34.58
CA GLN A 182 29.87 -4.53 33.35
C GLN A 182 31.30 -4.15 33.08
N ASN A 183 32.01 -5.02 32.37
CA ASN A 183 33.40 -4.74 32.02
C ASN A 183 33.81 -5.22 30.65
N HIS A 184 34.15 -4.25 29.83
CA HIS A 184 34.87 -4.47 28.60
C HIS A 184 36.21 -3.82 28.91
N GLY A 185 37.15 -3.82 27.97
CA GLY A 185 38.49 -3.29 28.28
C GLY A 185 38.57 -1.85 28.78
N LEU A 186 37.45 -1.14 28.72
CA LEU A 186 37.40 0.32 28.85
C LEU A 186 37.90 0.93 30.18
N PRO A 187 38.75 1.98 30.08
CA PRO A 187 39.37 2.64 31.24
C PRO A 187 38.38 3.41 32.11
N GLU A 188 37.28 3.83 31.49
CA GLU A 188 36.20 4.50 32.19
C GLU A 188 35.47 3.51 33.07
N GLN A 189 35.40 2.26 32.61
CA GLN A 189 34.74 1.21 33.40
C GLN A 189 35.45 0.95 34.72
N LYS A 190 36.77 1.07 34.71
CA LYS A 190 37.59 0.88 35.91
C LYS A 190 37.20 1.89 37.00
N LYS A 191 37.13 3.16 36.61
CA LYS A 191 36.78 4.25 37.54
C LYS A 191 35.33 4.18 38.02
N VAL A 192 34.41 3.89 37.10
CA VAL A 192 32.99 3.81 37.43
C VAL A 192 32.71 2.66 38.39
N ASN A 193 33.15 1.45 38.02
CA ASN A 193 32.90 0.26 38.82
C ASN A 193 33.48 0.34 40.23
N GLN A 194 34.69 0.90 40.34
CA GLN A 194 35.34 1.12 41.63
C GLN A 194 34.48 1.96 42.59
N VAL A 195 33.87 3.02 42.05
CA VAL A 195 32.99 3.91 42.82
C VAL A 195 31.60 3.29 42.99
N LEU A 196 31.15 2.56 41.97
CA LEU A 196 29.90 1.81 42.05
C LEU A 196 29.99 0.78 43.16
N LYS A 197 31.13 0.12 43.24
CA LYS A 197 31.40 -0.90 44.24
C LYS A 197 31.24 -0.31 45.63
N GLU A 198 31.74 0.91 45.82
CA GLU A 198 31.65 1.62 47.10
C GLU A 198 30.20 1.91 47.47
N PHE A 199 29.43 2.35 46.48
CA PHE A 199 28.02 2.63 46.69
C PHE A 199 27.28 1.38 47.06
N ALA A 200 27.60 0.29 46.36
CA ALA A 200 26.95 -1.00 46.56
C ALA A 200 27.18 -1.56 47.96
N ARG A 201 28.30 -1.18 48.57
CA ARG A 201 28.65 -1.67 49.89
C ARG A 201 28.18 -0.73 51.00
N LYS A 202 28.05 0.56 50.67
CA LYS A 202 27.64 1.57 51.65
C LYS A 202 26.14 1.52 51.89
N TYR A 203 25.38 1.24 50.84
CA TYR A 203 23.93 1.18 50.95
C TYR A 203 23.43 -0.27 51.05
N GLY A 204 24.37 -1.22 50.97
CA GLY A 204 24.05 -2.66 51.00
C GLY A 204 23.16 -3.06 49.83
N LEU A 205 23.65 -2.89 48.61
CA LEU A 205 22.79 -2.94 47.44
C LEU A 205 22.82 -4.20 46.56
N GLY A 206 23.93 -4.93 46.55
CA GLY A 206 24.03 -6.12 45.71
C GLY A 206 24.26 -5.81 44.24
N MET A 207 25.39 -6.27 43.74
CA MET A 207 25.81 -6.05 42.37
C MET A 207 25.35 -7.18 41.46
N VAL A 208 24.99 -6.81 40.23
CA VAL A 208 24.59 -7.78 39.21
C VAL A 208 25.46 -7.55 37.98
N ALA A 209 26.07 -8.64 37.50
CA ALA A 209 26.89 -8.59 36.29
C ALA A 209 26.06 -8.71 35.01
N THR A 210 26.38 -7.87 34.04
CA THR A 210 25.80 -7.96 32.69
C THR A 210 26.93 -7.58 31.75
N ASN A 211 26.76 -7.76 30.44
CA ASN A 211 27.73 -7.14 29.55
C ASN A 211 27.19 -6.53 28.24
N ASP A 212 25.91 -6.14 28.26
CA ASP A 212 25.33 -5.25 27.25
C ASP A 212 25.57 -5.77 25.82
N GLY A 213 25.05 -6.97 25.54
CA GLY A 213 25.23 -7.59 24.24
C GLY A 213 24.52 -6.85 23.12
N HIS A 214 25.08 -6.92 21.92
CA HIS A 214 24.49 -6.31 20.72
C HIS A 214 24.61 -7.24 19.53
N TYR A 215 25.45 -8.27 19.69
CA TYR A 215 25.59 -9.34 18.72
C TYR A 215 25.65 -10.66 19.46
N VAL A 216 25.54 -11.77 18.74
CA VAL A 216 25.48 -13.08 19.40
C VAL A 216 26.85 -13.62 19.80
N ARG A 217 27.70 -13.92 18.82
CA ARG A 217 29.06 -14.41 19.08
C ARG A 217 30.13 -13.35 18.81
N LYS A 218 31.36 -13.60 19.26
CA LYS A 218 32.48 -12.66 19.09
C LYS A 218 32.82 -12.37 17.63
N GLU A 219 32.52 -13.32 16.75
CA GLU A 219 32.79 -13.21 15.33
C GLU A 219 31.88 -12.18 14.66
N ASP A 220 30.77 -11.86 15.30
CA ASP A 220 29.76 -10.97 14.74
C ASP A 220 30.13 -9.49 14.88
N ALA A 221 31.24 -9.21 15.55
CA ALA A 221 31.68 -7.84 15.80
C ALA A 221 31.74 -6.98 14.53
N ARG A 222 32.43 -7.46 13.50
CA ARG A 222 32.51 -6.71 12.24
C ARG A 222 31.18 -6.60 11.50
N ALA A 223 30.40 -7.68 11.51
CA ALA A 223 29.06 -7.66 10.92
C ALA A 223 28.23 -6.56 11.55
N HIS A 224 28.35 -6.44 12.87
CA HIS A 224 27.71 -5.39 13.64
C HIS A 224 28.30 -4.03 13.30
N GLU A 225 29.63 -3.98 13.14
CA GLU A 225 30.31 -2.72 12.82
C GLU A 225 29.90 -2.17 11.46
N VAL A 226 29.57 -3.05 10.51
CA VAL A 226 29.05 -2.56 9.22
C VAL A 226 27.56 -2.24 9.32
N LEU A 227 26.85 -2.88 10.25
CA LEU A 227 25.45 -2.54 10.50
C LEU A 227 25.36 -1.07 10.85
N LEU A 228 26.20 -0.64 11.79
CA LEU A 228 26.31 0.75 12.18
C LEU A 228 26.67 1.66 10.99
N ALA A 229 27.45 1.15 10.06
CA ALA A 229 27.84 1.91 8.88
C ALA A 229 26.69 2.02 7.86
N ILE A 230 25.67 1.19 8.04
CA ILE A 230 24.47 1.26 7.19
C ILE A 230 23.49 2.30 7.75
N GLN A 231 23.44 2.44 9.07
CA GLN A 231 22.68 3.52 9.70
C GLN A 231 23.41 4.85 9.60
N SER A 232 24.71 4.83 9.89
CA SER A 232 25.59 5.99 9.73
C SER A 232 25.76 6.40 8.24
N LYS A 233 25.41 5.47 7.34
CA LYS A 233 25.46 5.69 5.89
C LYS A 233 26.82 6.22 5.42
N THR A 234 27.86 5.46 5.76
CA THR A 234 29.24 5.81 5.40
C THR A 234 30.04 4.57 4.95
N THR A 235 31.26 4.81 4.48
CA THR A 235 32.16 3.75 4.02
C THR A 235 32.77 3.04 5.22
N LEU A 236 33.31 1.84 5.01
CA LEU A 236 34.06 1.10 6.02
C LEU A 236 35.24 1.92 6.55
N ASP A 237 35.83 2.72 5.67
CA ASP A 237 36.86 3.69 6.07
C ASP A 237 36.31 5.09 5.83
N ASP A 238 36.04 5.81 6.91
CA ASP A 238 35.50 7.16 6.80
C ASP A 238 36.57 8.25 7.03
N PRO A 239 37.04 8.47 8.29
CA PRO A 239 36.58 7.95 9.58
C PRO A 239 35.54 8.90 10.15
N GLU A 240 35.26 8.77 11.44
CA GLU A 240 34.16 9.49 12.08
C GLU A 240 32.87 8.68 11.93
N ARG A 241 32.95 7.61 11.13
CA ARG A 241 31.87 6.64 11.03
C ARG A 241 31.56 6.04 12.40
N TRP A 242 30.29 5.76 12.64
CA TRP A 242 29.83 5.25 13.91
C TRP A 242 30.46 3.88 14.22
N ARG A 243 31.13 3.81 15.38
CA ARG A 243 31.82 2.60 15.83
C ARG A 243 31.63 2.39 17.31
N PHE A 244 31.68 1.13 17.75
CA PHE A 244 31.69 0.82 19.17
C PHE A 244 33.15 0.92 19.66
N PRO A 245 33.35 1.07 20.98
CA PRO A 245 34.71 1.25 21.53
C PRO A 245 35.62 0.02 21.46
N CYS A 246 35.03 -1.17 21.40
CA CYS A 246 35.78 -2.42 21.28
C CYS A 246 34.88 -3.51 20.69
N ASP A 247 35.37 -4.75 20.70
CA ASP A 247 34.65 -5.88 20.11
C ASP A 247 34.20 -6.88 21.18
N GLU A 248 33.58 -6.37 22.24
CA GLU A 248 33.26 -7.20 23.40
C GLU A 248 31.77 -7.40 23.67
N PHE A 249 30.93 -6.71 22.92
CA PHE A 249 29.50 -6.67 23.17
C PHE A 249 28.78 -7.89 22.57
N TYR A 250 29.14 -9.06 23.09
CA TYR A 250 28.55 -10.32 22.65
C TYR A 250 28.18 -11.24 23.83
N VAL A 251 27.40 -12.27 23.55
CA VAL A 251 26.90 -13.19 24.59
C VAL A 251 28.00 -14.13 25.06
N LYS A 252 28.64 -13.76 26.16
CA LYS A 252 29.82 -14.45 26.65
C LYS A 252 29.51 -15.67 27.52
N THR A 253 30.43 -16.64 27.49
CA THR A 253 30.40 -17.80 28.35
C THR A 253 30.64 -17.33 29.78
N PRO A 254 30.00 -17.97 30.77
CA PRO A 254 30.31 -17.66 32.18
C PRO A 254 31.82 -17.53 32.45
N GLU A 255 32.63 -18.25 31.67
CA GLU A 255 34.10 -18.21 31.76
C GLU A 255 34.68 -16.90 31.26
N GLU A 256 34.22 -16.46 30.09
CA GLU A 256 34.68 -15.20 29.47
C GLU A 256 34.28 -14.00 30.32
N MET A 257 33.15 -14.15 31.03
CA MET A 257 32.67 -13.14 31.97
C MET A 257 33.64 -12.98 33.13
N ARG A 258 34.15 -14.11 33.63
CA ARG A 258 35.11 -14.11 34.71
C ARG A 258 36.42 -13.42 34.31
N ALA A 259 36.78 -13.52 33.03
CA ALA A 259 38.01 -12.90 32.54
C ALA A 259 37.94 -11.38 32.68
N MET A 260 36.73 -10.85 32.61
CA MET A 260 36.48 -9.42 32.75
C MET A 260 36.28 -9.05 34.22
N LEU A 261 35.73 -9.99 34.99
CA LEU A 261 35.46 -9.80 36.40
C LEU A 261 36.11 -10.89 37.23
N PRO A 262 37.42 -10.74 37.55
CA PRO A 262 38.19 -11.77 38.27
C PRO A 262 37.62 -12.10 39.66
N GLU A 263 37.86 -13.34 40.12
CA GLU A 263 37.30 -13.82 41.38
C GLU A 263 37.88 -13.14 42.63
N ALA A 264 39.19 -12.91 42.63
CA ALA A 264 39.87 -12.30 43.77
C ALA A 264 39.62 -10.79 43.89
N GLU A 265 38.60 -10.31 43.18
CA GLU A 265 38.31 -8.89 43.15
C GLU A 265 36.79 -8.64 43.16
N TRP A 266 36.03 -9.56 42.58
CA TRP A 266 34.56 -9.42 42.50
C TRP A 266 33.78 -10.44 43.32
N GLY A 267 34.36 -11.63 43.50
CA GLY A 267 33.70 -12.71 44.22
C GLY A 267 32.62 -13.36 43.39
N ASP A 268 31.72 -14.08 44.04
CA ASP A 268 30.65 -14.81 43.35
C ASP A 268 29.34 -14.02 43.26
N GLU A 269 29.21 -12.99 44.08
CA GLU A 269 27.97 -12.23 44.19
C GLU A 269 27.41 -11.72 42.85
N PRO A 270 28.22 -10.98 42.05
CA PRO A 270 27.73 -10.48 40.75
C PRO A 270 27.23 -11.58 39.82
N PHE A 271 27.73 -12.80 39.99
CA PHE A 271 27.32 -13.93 39.16
C PHE A 271 26.09 -14.64 39.72
N ASP A 272 26.11 -14.91 41.04
CA ASP A 272 24.98 -15.54 41.72
C ASP A 272 23.69 -14.73 41.65
N ASN A 273 23.82 -13.40 41.73
CA ASN A 273 22.67 -12.49 41.68
C ASN A 273 22.00 -12.48 40.32
N THR A 274 22.80 -12.74 39.30
CA THR A 274 22.33 -12.88 37.93
C THR A 274 21.28 -14.00 37.84
N VAL A 275 21.61 -15.16 38.38
CA VAL A 275 20.73 -16.33 38.31
C VAL A 275 19.52 -16.16 39.24
N GLU A 276 19.73 -15.44 40.34
CA GLU A 276 18.68 -15.28 41.34
C GLU A 276 17.58 -14.39 40.81
N ILE A 277 17.96 -13.25 40.21
CA ILE A 277 17.01 -12.33 39.62
C ILE A 277 16.17 -13.05 38.56
N ALA A 278 16.85 -13.69 37.62
CA ALA A 278 16.21 -14.43 36.53
C ALA A 278 15.18 -15.45 37.03
N ARG A 279 15.48 -16.07 38.17
CA ARG A 279 14.54 -16.99 38.80
C ARG A 279 13.29 -16.25 39.27
N MET A 280 13.50 -15.14 39.98
CA MET A 280 12.39 -14.40 40.58
C MET A 280 11.64 -13.50 39.60
N CYS A 281 11.79 -13.76 38.30
CA CYS A 281 11.14 -12.95 37.26
C CYS A 281 10.03 -13.71 36.53
N ASP A 282 8.91 -13.90 37.23
CA ASP A 282 7.80 -14.71 36.75
C ASP A 282 6.77 -13.90 35.93
N VAL A 283 7.00 -13.80 34.62
CA VAL A 283 6.09 -13.08 33.71
C VAL A 283 5.49 -13.99 32.63
N ASP A 284 4.16 -14.08 32.61
CA ASP A 284 3.44 -14.89 31.64
C ASP A 284 2.50 -14.07 30.77
N LEU A 285 2.61 -14.22 29.45
CA LEU A 285 1.72 -13.54 28.52
C LEU A 285 0.52 -14.43 28.16
N PRO A 286 -0.67 -13.82 27.97
CA PRO A 286 -1.85 -14.59 27.52
C PRO A 286 -1.74 -15.03 26.06
N ILE A 287 -1.10 -16.17 25.84
CA ILE A 287 -0.92 -16.75 24.50
C ILE A 287 -1.25 -18.24 24.48
N GLY A 288 -1.86 -18.69 23.38
CA GLY A 288 -2.10 -20.10 23.14
C GLY A 288 -2.99 -20.74 24.17
N ASP A 289 -2.41 -21.54 25.05
CA ASP A 289 -3.15 -22.23 26.11
C ASP A 289 -4.09 -21.28 26.81
N LYS A 290 -3.56 -20.14 27.25
CA LYS A 290 -4.36 -19.06 27.83
C LYS A 290 -5.12 -18.32 26.73
N MET A 291 -4.84 -17.04 26.54
CA MET A 291 -5.58 -16.20 25.57
C MET A 291 -7.08 -16.10 25.87
N VAL A 292 -7.53 -14.87 26.13
CA VAL A 292 -8.96 -14.60 26.29
C VAL A 292 -9.38 -13.78 25.08
N TYR A 293 -10.60 -14.01 24.59
CA TYR A 293 -11.17 -13.16 23.57
C TYR A 293 -11.59 -11.84 24.20
N ARG A 294 -11.01 -10.76 23.69
CA ARG A 294 -11.35 -9.41 24.13
C ARG A 294 -12.22 -8.78 23.05
N ILE A 295 -13.52 -9.04 23.14
CA ILE A 295 -14.50 -8.42 22.26
C ILE A 295 -15.04 -7.19 22.99
N PRO A 296 -14.90 -6.00 22.38
CA PRO A 296 -15.45 -4.79 22.97
C PRO A 296 -16.97 -4.89 23.10
N ARG A 297 -17.53 -4.16 24.07
CA ARG A 297 -18.98 -4.19 24.30
C ARG A 297 -19.70 -3.21 23.40
N PHE A 298 -20.87 -3.64 22.93
CA PHE A 298 -21.70 -2.82 22.08
C PHE A 298 -22.97 -2.41 22.82
N PRO A 299 -23.17 -1.09 23.01
CA PRO A 299 -24.35 -0.54 23.70
C PRO A 299 -25.66 -0.82 22.98
N LEU A 300 -26.72 -1.11 23.74
CA LEU A 300 -28.04 -1.40 23.16
C LEU A 300 -29.15 -0.76 23.98
N GLY A 303 -33.36 -3.31 26.95
CA GLY A 303 -33.99 -4.63 26.91
C GLY A 303 -33.68 -5.40 25.64
N ARG A 304 -32.44 -5.29 25.18
CA ARG A 304 -31.96 -6.00 23.99
C ARG A 304 -30.75 -6.85 24.32
N THR A 305 -30.81 -8.12 23.91
CA THR A 305 -29.64 -8.99 23.99
C THR A 305 -28.72 -8.62 22.84
N GLU A 306 -27.43 -8.87 23.02
CA GLU A 306 -26.46 -8.66 21.96
C GLU A 306 -26.83 -9.55 20.76
N ALA A 307 -27.32 -10.75 21.07
CA ALA A 307 -27.71 -11.74 20.07
C ALA A 307 -29.08 -11.43 19.45
N GLN A 308 -29.93 -10.80 20.24
CA GLN A 308 -31.28 -10.43 19.80
C GLN A 308 -31.26 -9.29 18.78
N TYR A 309 -30.41 -8.30 19.05
CA TYR A 309 -30.31 -7.13 18.19
C TYR A 309 -29.71 -7.46 16.83
N LEU A 310 -28.71 -8.34 16.79
CA LEU A 310 -28.13 -8.79 15.52
C LEU A 310 -29.20 -9.50 14.70
N ARG A 311 -30.03 -10.29 15.38
CA ARG A 311 -31.19 -10.92 14.78
C ARG A 311 -32.13 -9.83 14.24
N GLU A 312 -32.52 -8.88 15.09
CA GLU A 312 -33.38 -7.76 14.71
C GLU A 312 -32.96 -7.14 13.39
N LEU A 313 -31.70 -6.74 13.32
CA LEU A 313 -31.16 -6.06 12.16
C LEU A 313 -31.15 -6.93 10.91
N THR A 314 -31.04 -8.24 11.09
CA THR A 314 -31.04 -9.18 9.96
C THR A 314 -32.44 -9.27 9.34
N PHE A 315 -33.46 -9.37 10.18
CA PHE A 315 -34.84 -9.47 9.70
C PHE A 315 -35.30 -8.17 9.04
N LEU A 316 -34.85 -7.05 9.60
CA LEU A 316 -35.17 -5.75 9.02
C LEU A 316 -34.46 -5.60 7.70
N GLY A 317 -33.32 -6.28 7.59
CA GLY A 317 -32.42 -6.16 6.46
C GLY A 317 -32.90 -6.93 5.26
N LEU A 318 -33.38 -8.15 5.49
CA LEU A 318 -33.87 -9.00 4.42
C LEU A 318 -35.03 -8.35 3.68
N LEU A 319 -35.92 -7.73 4.45
CA LEU A 319 -37.06 -7.01 3.90
C LEU A 319 -36.63 -5.90 2.92
N ARG A 320 -35.51 -5.24 3.22
CA ARG A 320 -34.94 -4.25 2.33
C ARG A 320 -34.22 -4.92 1.17
N ARG A 321 -33.69 -6.12 1.43
CA ARG A 321 -32.77 -6.81 0.54
C ARG A 321 -33.47 -7.65 -0.54
N TYR A 322 -34.58 -8.28 -0.18
CA TYR A 322 -35.34 -9.10 -1.12
C TYR A 322 -36.82 -8.68 -1.18
N PRO A 323 -37.11 -7.55 -1.86
CA PRO A 323 -38.43 -6.91 -1.80
C PRO A 323 -39.57 -7.77 -2.36
N ASP A 324 -39.27 -8.58 -3.36
CA ASP A 324 -40.28 -9.38 -4.05
C ASP A 324 -40.66 -10.62 -3.28
N ARG A 325 -39.70 -11.19 -2.53
CA ARG A 325 -39.94 -12.45 -1.84
C ARG A 325 -39.93 -12.42 -0.31
N ILE A 326 -39.47 -11.31 0.27
CA ILE A 326 -39.58 -11.15 1.72
C ILE A 326 -40.35 -9.88 2.08
N THR A 327 -41.61 -10.08 2.48
CA THR A 327 -42.55 -8.98 2.72
C THR A 327 -43.19 -9.04 4.12
N GLU A 328 -43.85 -7.96 4.50
CA GLU A 328 -44.61 -7.89 5.76
C GLU A 328 -45.54 -9.08 5.89
N ALA A 329 -46.30 -9.34 4.83
CA ALA A 329 -47.20 -10.48 4.75
C ALA A 329 -46.49 -11.80 5.10
N PHE A 330 -45.29 -11.97 4.56
CA PHE A 330 -44.51 -13.19 4.76
C PHE A 330 -44.12 -13.43 6.22
N TYR A 331 -43.60 -12.38 6.87
CA TYR A 331 -43.25 -12.45 8.29
C TYR A 331 -44.46 -12.78 9.18
N ARG A 332 -45.58 -12.10 8.92
CA ARG A 332 -46.83 -12.32 9.65
C ARG A 332 -47.24 -13.79 9.61
N GLU A 333 -47.05 -14.42 8.45
CA GLU A 333 -47.36 -15.83 8.29
C GLU A 333 -46.51 -16.71 9.20
N VAL A 334 -45.22 -16.35 9.30
CA VAL A 334 -44.23 -17.09 10.09
C VAL A 334 -44.50 -16.99 11.62
N LEU A 335 -44.98 -15.78 12.00
CA LEU A 335 -45.37 -15.55 13.40
C LEU A 335 -46.71 -16.22 13.69
N ARG A 336 -47.63 -16.12 12.73
CA ARG A 336 -48.93 -16.79 12.83
C ARG A 336 -48.70 -18.33 12.64
N LEU A 337 -47.46 -18.71 12.29
CA LEU A 337 -47.03 -20.12 12.41
C LEU A 337 -46.33 -20.34 13.76
N LEU A 338 -46.70 -19.53 14.68
CA LEU A 338 -46.31 -19.70 16.08
C LEU A 338 -47.29 -18.89 16.95
N ASP A 346 -47.03 -2.48 11.75
CA ASP A 346 -45.73 -1.91 11.47
C ASP A 346 -44.70 -2.95 11.04
N GLU A 347 -43.79 -2.54 10.14
CA GLU A 347 -42.72 -3.38 9.61
C GLU A 347 -41.68 -3.79 10.68
N ARG A 348 -41.12 -2.80 11.37
CA ARG A 348 -40.12 -2.98 12.43
C ARG A 348 -40.61 -3.84 13.60
N ALA A 349 -41.89 -3.71 13.94
CA ALA A 349 -42.50 -4.43 15.04
C ALA A 349 -42.44 -5.95 14.86
N LEU A 350 -42.51 -6.40 13.61
CA LEU A 350 -42.44 -7.82 13.27
C LEU A 350 -41.03 -8.38 13.46
N ALA A 351 -40.02 -7.61 13.04
CA ALA A 351 -38.61 -7.98 13.22
C ALA A 351 -38.26 -8.06 14.71
N GLU A 352 -38.65 -7.02 15.45
CA GLU A 352 -38.45 -6.95 16.89
C GLU A 352 -39.02 -8.20 17.56
N ALA A 353 -40.16 -8.67 17.04
CA ALA A 353 -40.84 -9.87 17.52
C ALA A 353 -40.12 -11.16 17.10
N LEU A 354 -39.74 -11.24 15.82
CA LEU A 354 -39.05 -12.42 15.28
C LEU A 354 -37.72 -12.68 15.98
N ALA A 355 -37.10 -11.61 16.47
CA ALA A 355 -35.81 -11.67 17.13
C ALA A 355 -35.88 -12.48 18.43
N ARG A 356 -37.02 -12.38 19.11
CA ARG A 356 -37.24 -13.03 20.39
C ARG A 356 -37.44 -14.54 20.28
N VAL A 357 -38.04 -14.99 19.17
CA VAL A 357 -38.28 -16.41 18.92
C VAL A 357 -37.05 -17.25 19.27
N GLU A 358 -37.24 -18.23 20.14
CA GLU A 358 -36.12 -19.02 20.66
C GLU A 358 -35.76 -20.19 19.75
N GLU A 359 -34.58 -20.78 20.00
CA GLU A 359 -34.04 -21.83 19.13
C GLU A 359 -34.70 -23.21 19.30
N LYS A 360 -35.35 -23.42 20.45
CA LYS A 360 -36.16 -24.63 20.65
C LYS A 360 -37.46 -24.52 19.85
N ALA A 361 -37.95 -23.29 19.69
CA ALA A 361 -39.17 -23.01 18.96
C ALA A 361 -38.98 -23.10 17.44
N TRP A 362 -37.83 -22.63 16.97
CA TRP A 362 -37.55 -22.57 15.52
C TRP A 362 -37.52 -23.92 14.81
N GLU A 363 -36.95 -24.94 15.46
CA GLU A 363 -36.75 -26.24 14.82
C GLU A 363 -38.02 -27.11 14.74
N GLU A 364 -39.17 -26.47 14.89
CA GLU A 364 -40.47 -27.13 14.78
C GLU A 364 -41.24 -26.66 13.55
N LEU A 365 -40.54 -26.01 12.63
CA LEU A 365 -41.15 -25.49 11.40
C LEU A 365 -40.58 -26.16 10.16
N ARG A 366 -39.25 -26.36 10.14
CA ARG A 366 -38.56 -27.05 9.05
C ARG A 366 -39.09 -28.48 8.84
N LYS A 367 -39.44 -29.16 9.93
CA LYS A 367 -40.02 -30.50 9.86
C LYS A 367 -41.54 -30.46 9.60
N ARG A 368 -41.95 -29.41 8.89
CA ARG A 368 -43.33 -29.19 8.52
C ARG A 368 -43.38 -28.33 7.28
N GLU A 377 -33.72 -23.07 -6.68
CA GLU A 377 -34.21 -21.69 -6.73
C GLU A 377 -34.40 -21.11 -5.31
N TRP A 378 -34.05 -19.84 -5.14
CA TRP A 378 -34.04 -19.21 -3.80
C TRP A 378 -35.36 -18.56 -3.36
N THR A 379 -36.23 -19.37 -2.76
CA THR A 379 -37.53 -18.90 -2.32
C THR A 379 -37.48 -18.12 -1.02
N ALA A 380 -38.65 -17.64 -0.60
CA ALA A 380 -38.81 -16.87 0.64
C ALA A 380 -38.45 -17.71 1.86
N GLU A 381 -38.98 -18.96 1.88
CA GLU A 381 -38.70 -19.90 2.97
C GLU A 381 -37.21 -20.26 3.04
N ALA A 382 -36.59 -20.44 1.86
CA ALA A 382 -35.18 -20.81 1.77
C ALA A 382 -34.32 -19.76 2.42
N ILE A 383 -34.64 -18.49 2.13
CA ILE A 383 -33.86 -17.35 2.63
C ILE A 383 -33.93 -17.31 4.17
N LEU A 384 -35.14 -17.43 4.71
CA LEU A 384 -35.31 -17.51 6.16
C LEU A 384 -34.42 -18.54 6.81
N HIS A 385 -34.42 -19.76 6.27
CA HIS A 385 -33.61 -20.86 6.81
C HIS A 385 -32.12 -20.53 6.84
N ARG A 386 -31.57 -20.10 5.70
CA ARG A 386 -30.15 -19.74 5.63
C ARG A 386 -29.82 -18.65 6.67
N ALA A 387 -30.63 -17.59 6.69
CA ALA A 387 -30.44 -16.50 7.64
C ALA A 387 -30.50 -17.01 9.08
N LEU A 388 -31.54 -17.80 9.38
CA LEU A 388 -31.74 -18.41 10.71
C LEU A 388 -30.60 -19.37 11.08
N TYR A 389 -30.11 -20.10 10.09
CA TYR A 389 -29.00 -21.02 10.33
C TYR A 389 -27.74 -20.26 10.71
N GLU A 390 -27.37 -19.28 9.88
CA GLU A 390 -26.17 -18.47 10.12
C GLU A 390 -26.24 -17.83 11.50
N LEU A 391 -27.39 -17.25 11.84
CA LEU A 391 -27.59 -16.60 13.13
C LEU A 391 -27.38 -17.59 14.26
N SER A 392 -27.80 -18.82 14.03
CA SER A 392 -27.65 -19.92 14.99
C SER A 392 -26.17 -20.23 15.26
N VAL A 393 -25.39 -20.28 14.20
CA VAL A 393 -23.96 -20.57 14.30
C VAL A 393 -23.22 -19.39 14.93
N ILE A 394 -23.54 -18.17 14.47
CA ILE A 394 -22.98 -16.94 15.01
C ILE A 394 -23.21 -16.84 16.51
N GLU A 395 -24.46 -17.03 16.93
CA GLU A 395 -24.84 -16.96 18.34
C GLU A 395 -24.11 -17.98 19.21
N ARG A 396 -24.07 -19.22 18.73
CA ARG A 396 -23.48 -20.32 19.49
C ARG A 396 -21.98 -20.14 19.70
N MET A 397 -21.32 -19.52 18.73
CA MET A 397 -19.88 -19.29 18.80
C MET A 397 -19.51 -18.04 19.61
N GLY A 398 -20.53 -17.25 19.95
CA GLY A 398 -20.37 -16.04 20.76
C GLY A 398 -19.80 -14.86 20.00
N PHE A 399 -20.29 -14.65 18.78
CA PHE A 399 -19.77 -13.59 17.92
C PHE A 399 -20.79 -12.53 17.48
N PRO A 400 -21.99 -12.48 18.10
CA PRO A 400 -22.91 -11.43 17.60
C PRO A 400 -22.39 -10.03 17.87
N GLY A 401 -21.70 -9.85 18.99
CA GLY A 401 -21.10 -8.56 19.35
C GLY A 401 -20.10 -8.08 18.32
N TYR A 402 -19.27 -9.01 17.87
CA TYR A 402 -18.29 -8.76 16.81
C TYR A 402 -18.97 -8.18 15.56
N PHE A 403 -20.08 -8.80 15.15
CA PHE A 403 -20.81 -8.39 13.96
C PHE A 403 -21.44 -7.02 14.12
N LEU A 404 -22.02 -6.78 15.29
CA LEU A 404 -22.63 -5.48 15.61
C LEU A 404 -21.62 -4.35 15.45
N ILE A 405 -20.46 -4.49 16.07
CA ILE A 405 -19.39 -3.51 15.93
C ILE A 405 -19.15 -3.19 14.46
N VAL A 406 -18.98 -4.23 13.65
CA VAL A 406 -18.59 -4.05 12.25
C VAL A 406 -19.70 -3.39 11.46
N GLN A 407 -20.92 -3.90 11.63
CA GLN A 407 -22.09 -3.35 10.94
C GLN A 407 -22.25 -1.86 11.26
N ASP A 408 -22.01 -1.51 12.50
CA ASP A 408 -22.20 -0.14 12.99
C ASP A 408 -21.34 0.88 12.23
N TYR A 409 -20.03 0.65 12.20
CA TYR A 409 -19.13 1.60 11.57
C TYR A 409 -19.23 1.66 10.05
N ILE A 410 -19.68 0.56 9.44
CA ILE A 410 -19.88 0.52 7.99
C ILE A 410 -21.13 1.33 7.62
N ASN A 411 -22.20 1.15 8.38
CA ASN A 411 -23.45 1.86 8.16
C ASN A 411 -23.32 3.35 8.49
N TRP A 412 -22.42 3.67 9.42
CA TRP A 412 -22.07 5.05 9.68
C TRP A 412 -21.46 5.62 8.41
N ALA A 413 -20.36 5.01 7.98
CA ALA A 413 -19.61 5.46 6.82
C ALA A 413 -20.49 5.70 5.59
N ARG A 414 -21.54 4.92 5.42
CA ARG A 414 -22.43 5.11 4.28
C ARG A 414 -23.23 6.39 4.43
N GLY A 415 -23.86 6.58 5.58
CA GLY A 415 -24.63 7.78 5.85
C GLY A 415 -23.80 9.03 6.01
N HIS A 416 -22.49 8.90 5.78
CA HIS A 416 -21.55 10.02 5.98
C HIS A 416 -20.60 10.27 4.80
N GLY A 417 -21.08 9.96 3.59
CA GLY A 417 -20.34 10.23 2.35
C GLY A 417 -18.99 9.54 2.24
N VAL A 418 -18.94 8.30 2.73
CA VAL A 418 -17.76 7.46 2.65
C VAL A 418 -18.16 6.19 1.91
N SER A 419 -17.56 5.97 0.74
CA SER A 419 -17.85 4.78 -0.07
C SER A 419 -17.38 3.50 0.60
N VAL A 420 -18.16 2.43 0.45
CA VAL A 420 -17.81 1.13 1.04
C VAL A 420 -17.89 0.03 -0.01
N GLY A 421 -16.79 -0.73 -0.16
CA GLY A 421 -16.75 -1.87 -1.09
C GLY A 421 -17.84 -2.90 -0.81
N PRO A 422 -18.23 -3.68 -1.83
CA PRO A 422 -19.24 -4.74 -1.68
C PRO A 422 -18.81 -5.84 -0.72
N GLY A 423 -17.49 -5.97 -0.52
CA GLY A 423 -16.90 -6.85 0.49
C GLY A 423 -15.51 -7.27 0.07
N ARG A 424 -14.76 -7.85 1.00
CA ARG A 424 -13.54 -8.58 0.62
C ARG A 424 -13.30 -9.83 1.44
N GLY A 425 -12.58 -10.77 0.83
CA GLY A 425 -12.34 -12.08 1.44
C GLY A 425 -13.62 -12.86 1.62
N SER A 426 -13.56 -13.84 2.53
CA SER A 426 -14.68 -14.75 2.75
C SER A 426 -15.95 -14.10 3.31
N ALA A 427 -15.85 -12.85 3.75
CA ALA A 427 -16.96 -12.12 4.37
C ALA A 427 -18.29 -12.13 3.61
N ALA A 428 -18.22 -11.96 2.29
CA ALA A 428 -19.43 -11.88 1.45
C ALA A 428 -20.20 -13.19 1.34
N GLY A 429 -19.68 -14.26 1.94
CA GLY A 429 -20.34 -15.54 1.94
C GLY A 429 -21.48 -15.61 2.93
N SER A 430 -21.49 -14.70 3.89
CA SER A 430 -22.51 -14.70 4.91
C SER A 430 -23.72 -13.87 4.47
N LEU A 431 -24.91 -14.49 4.52
CA LEU A 431 -26.17 -13.80 4.25
C LEU A 431 -26.43 -12.73 5.31
N VAL A 432 -26.21 -13.08 6.58
CA VAL A 432 -26.29 -12.13 7.68
C VAL A 432 -25.45 -10.88 7.37
N ALA A 433 -24.17 -11.09 7.10
CA ALA A 433 -23.29 -9.99 6.70
C ALA A 433 -23.96 -9.13 5.62
N TYR A 434 -24.49 -9.78 4.59
CA TYR A 434 -25.14 -9.10 3.48
C TYR A 434 -26.43 -8.41 3.89
N ALA A 435 -27.19 -9.05 4.77
CA ALA A 435 -28.46 -8.50 5.24
C ALA A 435 -28.21 -7.21 6.01
N VAL A 436 -27.33 -7.28 7.00
CA VAL A 436 -27.03 -6.15 7.87
C VAL A 436 -26.08 -5.10 7.23
N GLY A 437 -25.82 -5.24 5.95
CA GLY A 437 -25.06 -4.25 5.18
C GLY A 437 -23.56 -4.16 5.47
N ILE A 438 -22.99 -5.20 6.09
CA ILE A 438 -21.54 -5.32 6.20
C ILE A 438 -21.02 -5.54 4.81
N THR A 439 -21.78 -6.34 4.06
CA THR A 439 -21.42 -6.80 2.74
C THR A 439 -22.47 -6.35 1.72
N ASN A 440 -22.06 -6.13 0.48
CA ASN A 440 -23.01 -5.67 -0.52
C ASN A 440 -23.12 -6.45 -1.84
N ILE A 441 -22.94 -7.76 -1.78
CA ILE A 441 -23.19 -8.61 -2.92
C ILE A 441 -24.10 -9.77 -2.49
N ASP A 442 -25.13 -10.05 -3.28
CA ASP A 442 -26.08 -11.11 -2.91
C ASP A 442 -25.38 -12.48 -2.89
N PRO A 443 -25.26 -13.06 -1.67
CA PRO A 443 -24.44 -14.24 -1.47
C PRO A 443 -25.08 -15.47 -2.08
N LEU A 444 -26.40 -15.45 -2.21
CA LEU A 444 -27.12 -16.60 -2.72
C LEU A 444 -27.50 -16.48 -4.18
N ARG A 445 -27.48 -15.27 -4.71
CA ARG A 445 -27.52 -15.11 -6.17
C ARG A 445 -26.26 -15.74 -6.78
N PHE A 446 -25.09 -15.33 -6.29
CA PHE A 446 -23.85 -16.00 -6.66
C PHE A 446 -23.66 -17.13 -5.67
N GLY A 447 -22.74 -18.05 -5.96
CA GLY A 447 -22.66 -19.28 -5.18
C GLY A 447 -21.86 -19.19 -3.89
N LEU A 448 -22.04 -18.11 -3.15
CA LEU A 448 -21.20 -17.80 -2.00
C LEU A 448 -21.65 -18.55 -0.75
N LEU A 449 -20.68 -19.04 0.02
CA LEU A 449 -20.97 -19.95 1.12
C LEU A 449 -20.60 -19.40 2.49
N PHE A 450 -21.57 -19.46 3.40
CA PHE A 450 -21.38 -19.03 4.79
C PHE A 450 -20.29 -19.84 5.49
N GLU A 451 -20.25 -21.13 5.20
CA GLU A 451 -19.36 -22.07 5.87
C GLU A 451 -17.90 -21.83 5.52
N ARG A 452 -17.65 -21.13 4.42
CA ARG A 452 -16.28 -20.76 4.08
C ARG A 452 -15.80 -19.55 4.86
N PHE A 453 -16.76 -18.75 5.32
CA PHE A 453 -16.50 -17.59 6.15
C PHE A 453 -16.33 -17.98 7.63
N LEU A 454 -17.39 -18.54 8.22
CA LEU A 454 -17.35 -19.13 9.56
C LEU A 454 -17.53 -20.62 9.42
N ASN A 455 -16.52 -21.40 9.78
CA ASN A 455 -16.69 -22.84 9.80
C ASN A 455 -17.41 -23.21 11.07
N PRO A 456 -18.66 -23.72 10.94
CA PRO A 456 -19.46 -24.05 12.13
C PRO A 456 -18.78 -25.05 13.06
N GLU A 457 -17.79 -25.79 12.54
CA GLU A 457 -17.19 -26.89 13.29
C GLU A 457 -15.80 -26.58 13.85
N ARG A 458 -15.45 -25.29 13.89
CA ARG A 458 -14.21 -24.85 14.55
C ARG A 458 -14.39 -23.46 15.15
N VAL A 459 -14.24 -23.37 16.48
CA VAL A 459 -14.33 -22.09 17.17
C VAL A 459 -13.08 -21.25 16.87
N SER A 460 -13.23 -20.37 15.88
CA SER A 460 -12.16 -19.47 15.47
C SER A 460 -12.76 -18.12 15.07
N MET A 461 -12.13 -17.05 15.53
CA MET A 461 -12.59 -15.69 15.25
C MET A 461 -12.49 -15.36 13.76
N PRO A 462 -13.60 -14.86 13.18
CA PRO A 462 -13.60 -14.53 11.75
C PRO A 462 -12.89 -13.20 11.53
N ASP A 463 -12.32 -13.03 10.34
CA ASP A 463 -11.69 -11.76 10.02
C ASP A 463 -12.56 -11.06 8.99
N ILE A 464 -13.02 -9.84 9.32
CA ILE A 464 -13.80 -9.05 8.37
C ILE A 464 -13.03 -7.81 7.93
N ASP A 465 -12.51 -7.87 6.71
CA ASP A 465 -11.83 -6.73 6.14
C ASP A 465 -12.82 -5.96 5.27
N THR A 466 -12.65 -4.65 5.21
CA THR A 466 -13.56 -3.76 4.50
C THR A 466 -12.81 -2.73 3.66
N ASP A 467 -13.28 -2.47 2.45
CA ASP A 467 -12.69 -1.42 1.64
C ASP A 467 -13.47 -0.13 1.79
N PHE A 468 -12.74 0.98 1.86
CA PHE A 468 -13.36 2.30 1.88
C PHE A 468 -12.74 3.17 0.81
N SER A 469 -13.42 4.26 0.48
CA SER A 469 -12.84 5.33 -0.32
C SER A 469 -11.51 5.73 0.31
N ASP A 470 -10.43 5.70 -0.45
CA ASP A 470 -9.09 5.99 0.10
C ASP A 470 -8.95 7.40 0.68
N ARG A 471 -9.80 8.31 0.22
CA ARG A 471 -9.82 9.69 0.67
C ARG A 471 -10.38 9.75 2.09
N GLU A 472 -11.41 8.96 2.34
CA GLU A 472 -12.22 9.06 3.55
C GLU A 472 -11.94 8.01 4.62
N ARG A 473 -11.17 6.99 4.28
CA ARG A 473 -10.90 5.89 5.22
C ARG A 473 -10.55 6.35 6.63
N ASP A 474 -9.65 7.33 6.72
CA ASP A 474 -9.25 7.91 8.00
C ASP A 474 -10.42 8.42 8.87
N ARG A 475 -11.46 8.98 8.23
CA ARG A 475 -12.66 9.45 8.92
C ARG A 475 -13.40 8.31 9.59
N VAL A 476 -13.39 7.14 8.97
CA VAL A 476 -14.00 5.93 9.52
C VAL A 476 -13.23 5.46 10.75
N ILE A 477 -11.91 5.44 10.65
CA ILE A 477 -11.02 5.11 11.78
C ILE A 477 -11.29 6.08 12.93
N GLN A 478 -11.41 7.36 12.59
CA GLN A 478 -11.72 8.43 13.54
C GLN A 478 -13.08 8.25 14.21
N TYR A 479 -14.07 7.79 13.45
CA TYR A 479 -15.36 7.47 14.02
C TYR A 479 -15.18 6.42 15.13
N VAL A 480 -14.50 5.34 14.80
CA VAL A 480 -14.21 4.27 15.74
C VAL A 480 -13.46 4.78 16.95
N ARG A 481 -12.40 5.56 16.73
CA ARG A 481 -11.60 6.14 17.83
C ARG A 481 -12.50 6.84 18.85
N GLU A 482 -13.40 7.68 18.36
CA GLU A 482 -14.33 8.42 19.21
C GLU A 482 -15.36 7.50 19.85
N ARG A 483 -15.86 6.56 19.07
CA ARG A 483 -16.95 5.69 19.48
C ARG A 483 -16.53 4.63 20.49
N TYR A 484 -15.32 4.09 20.35
CA TYR A 484 -14.87 3.03 21.24
C TYR A 484 -13.86 3.47 22.30
N GLY A 485 -13.38 4.70 22.19
CA GLY A 485 -12.44 5.24 23.16
C GLY A 485 -11.05 5.46 22.60
N GLU A 486 -10.48 6.61 22.92
CA GLU A 486 -9.17 7.01 22.43
C GLU A 486 -8.07 6.09 22.93
N ASP A 487 -8.29 5.50 24.10
CA ASP A 487 -7.29 4.65 24.74
C ASP A 487 -7.47 3.18 24.36
N LYS A 488 -8.42 2.92 23.46
CA LYS A 488 -8.77 1.55 23.09
C LYS A 488 -8.62 1.28 21.60
N VAL A 489 -8.38 2.32 20.81
CA VAL A 489 -8.26 2.16 19.37
C VAL A 489 -6.93 2.66 18.84
N ALA A 490 -6.20 1.78 18.15
CA ALA A 490 -4.97 2.15 17.45
C ALA A 490 -4.79 1.34 16.18
N GLN A 491 -3.97 1.85 15.27
CA GLN A 491 -3.61 1.13 14.06
C GLN A 491 -2.42 0.22 14.37
N ILE A 492 -2.32 -0.90 13.66
CA ILE A 492 -1.27 -1.90 13.90
C ILE A 492 0.04 -1.52 13.20
N GLY A 493 1.17 -1.72 13.89
CA GLY A 493 2.50 -1.40 13.34
C GLY A 493 3.04 -2.50 12.45
N THR A 494 4.00 -2.14 11.59
CA THR A 494 4.62 -3.07 10.65
C THR A 494 6.13 -2.91 10.70
N PHE A 495 6.86 -4.02 10.52
CA PHE A 495 8.32 -3.99 10.59
C PHE A 495 8.95 -4.71 9.40
N GLY A 496 9.38 -3.92 8.41
CA GLY A 496 10.05 -4.45 7.23
C GLY A 496 11.30 -5.26 7.53
N SER A 497 11.39 -6.42 6.89
CA SER A 497 12.57 -7.28 6.97
C SER A 497 13.64 -6.81 5.99
N LEU A 498 14.90 -7.15 6.27
CA LEU A 498 15.98 -6.84 5.35
C LEU A 498 16.02 -7.91 4.26
N ALA A 499 15.73 -7.50 3.02
CA ALA A 499 15.74 -8.41 1.87
C ALA A 499 17.16 -8.80 1.47
N SER A 500 17.33 -10.07 1.12
CA SER A 500 18.62 -10.64 0.73
C SER A 500 19.38 -9.79 -0.28
N LYS A 501 18.67 -9.34 -1.32
CA LYS A 501 19.26 -8.46 -2.34
C LYS A 501 19.69 -7.11 -1.76
N ALA A 502 18.76 -6.44 -1.09
CA ALA A 502 19.03 -5.14 -0.47
C ALA A 502 20.17 -5.24 0.54
N ALA A 503 20.23 -6.35 1.27
CA ALA A 503 21.28 -6.59 2.25
C ALA A 503 22.67 -6.59 1.60
N LEU A 504 22.80 -7.33 0.50
CA LEU A 504 24.04 -7.37 -0.29
C LEU A 504 24.50 -6.00 -0.77
N LYS A 505 23.57 -5.20 -1.28
CA LYS A 505 23.89 -3.86 -1.77
C LYS A 505 24.38 -2.93 -0.67
N ASP A 506 23.65 -2.91 0.45
CA ASP A 506 23.98 -2.05 1.58
C ASP A 506 25.36 -2.36 2.16
N VAL A 507 25.68 -3.64 2.26
CA VAL A 507 26.98 -4.09 2.76
C VAL A 507 28.09 -3.74 1.75
N ALA A 508 27.82 -4.01 0.48
CA ALA A 508 28.77 -3.74 -0.61
C ALA A 508 29.16 -2.26 -0.70
N ARG A 509 28.18 -1.37 -0.50
CA ARG A 509 28.44 0.07 -0.41
C ARG A 509 29.54 0.32 0.60
N VAL A 510 29.29 -0.11 1.84
CA VAL A 510 30.19 0.09 2.97
C VAL A 510 31.62 -0.34 2.65
N TYR A 511 31.75 -1.51 2.03
CA TYR A 511 33.07 -2.07 1.73
C TYR A 511 33.82 -1.39 0.58
N GLY A 512 33.28 -0.26 0.12
CA GLY A 512 33.90 0.51 -0.96
C GLY A 512 33.96 -0.23 -2.29
N ILE A 513 32.84 -0.86 -2.65
CA ILE A 513 32.71 -1.59 -3.90
C ILE A 513 31.87 -0.76 -4.88
N PRO A 514 32.35 -0.63 -6.14
CA PRO A 514 31.61 0.06 -7.20
C PRO A 514 30.21 -0.50 -7.42
N HIS A 515 29.21 0.39 -7.45
CA HIS A 515 27.78 0.04 -7.58
C HIS A 515 27.48 -1.06 -8.59
N LYS A 516 28.12 -0.97 -9.76
CA LYS A 516 27.82 -1.83 -10.90
C LYS A 516 28.12 -3.32 -10.64
N LYS A 517 29.35 -3.63 -10.22
CA LYS A 517 29.75 -5.02 -9.95
C LYS A 517 29.02 -5.62 -8.76
N ALA A 518 28.52 -4.73 -7.90
CA ALA A 518 27.66 -5.11 -6.79
C ALA A 518 26.29 -5.51 -7.31
N GLU A 519 25.77 -4.74 -8.26
CA GLU A 519 24.48 -5.04 -8.89
C GLU A 519 24.46 -6.38 -9.62
N GLU A 520 25.62 -6.77 -10.14
CA GLU A 520 25.77 -8.07 -10.81
C GLU A 520 25.75 -9.22 -9.80
N LEU A 521 26.25 -8.93 -8.59
CA LEU A 521 26.22 -9.90 -7.51
C LEU A 521 24.82 -10.11 -6.96
N ALA A 522 24.02 -9.04 -6.97
CA ALA A 522 22.64 -9.07 -6.49
C ALA A 522 21.69 -9.83 -7.42
N LYS A 523 22.02 -9.83 -8.71
CA LYS A 523 21.20 -10.50 -9.73
C LYS A 523 21.45 -12.00 -9.81
N LEU A 524 22.43 -12.49 -9.05
CA LEU A 524 22.75 -13.91 -8.97
C LEU A 524 21.76 -14.65 -8.08
N ILE A 525 21.13 -13.92 -7.17
CA ILE A 525 20.20 -14.50 -6.21
C ILE A 525 18.85 -14.75 -6.86
N PRO A 526 18.31 -15.97 -6.74
CA PRO A 526 17.03 -16.36 -7.34
C PRO A 526 15.83 -15.66 -6.71
N VAL A 527 14.77 -15.49 -7.50
CA VAL A 527 13.50 -14.93 -7.05
C VAL A 527 12.41 -15.96 -7.30
N GLN A 528 11.92 -16.60 -6.23
CA GLN A 528 10.98 -17.71 -6.40
C GLN A 528 9.50 -17.34 -6.27
N PHE A 529 9.20 -16.31 -5.48
CA PHE A 529 7.83 -15.80 -5.41
C PHE A 529 7.85 -14.32 -5.02
N GLY A 530 7.99 -13.47 -6.03
CA GLY A 530 8.04 -12.02 -5.84
C GLY A 530 9.33 -11.54 -5.20
N LYS A 531 9.61 -12.03 -4.00
CA LYS A 531 10.78 -11.63 -3.22
C LYS A 531 11.96 -12.61 -3.39
N PRO A 532 13.21 -12.11 -3.27
CA PRO A 532 14.43 -12.92 -3.41
C PRO A 532 14.57 -14.05 -2.37
N LYS A 533 15.43 -15.01 -2.69
CA LYS A 533 15.72 -16.14 -1.80
C LYS A 533 16.79 -15.76 -0.78
N PRO A 534 16.68 -16.30 0.45
CA PRO A 534 17.73 -16.16 1.47
C PRO A 534 19.13 -16.52 0.95
N LEU A 535 20.14 -15.78 1.41
CA LEU A 535 21.54 -16.04 1.04
C LEU A 535 22.06 -17.37 1.59
N GLN A 536 21.27 -17.99 2.46
CA GLN A 536 21.55 -19.32 3.01
C GLN A 536 21.76 -20.36 1.91
N GLU A 537 20.89 -20.34 0.90
CA GLU A 537 20.96 -21.30 -0.19
C GLU A 537 21.98 -20.87 -1.24
N ALA A 538 21.90 -19.60 -1.64
CA ALA A 538 22.75 -19.07 -2.70
C ALA A 538 24.20 -18.91 -2.23
N GLU A 544 24.42 -21.08 -6.96
CA GLU A 544 25.53 -21.99 -7.32
C GLU A 544 26.66 -21.34 -8.14
N LEU A 545 26.63 -20.01 -8.25
CA LEU A 545 27.73 -19.25 -8.82
C LEU A 545 28.48 -18.53 -7.70
N ARG A 546 28.64 -19.26 -6.58
CA ARG A 546 29.31 -18.76 -5.38
C ARG A 546 30.83 -18.76 -5.53
N ALA A 547 31.32 -19.34 -6.64
CA ALA A 547 32.74 -19.34 -6.97
C ALA A 547 33.28 -17.90 -7.13
N GLU A 548 32.36 -16.94 -7.08
CA GLU A 548 32.67 -15.50 -7.10
C GLU A 548 33.35 -15.04 -5.80
N MET A 549 33.16 -15.82 -4.74
CA MET A 549 33.83 -15.58 -3.45
C MET A 549 35.31 -15.95 -3.51
N GLU A 550 35.60 -17.03 -4.23
CA GLU A 550 36.97 -17.55 -4.37
C GLU A 550 37.94 -16.53 -4.96
N LYS A 551 37.48 -15.73 -5.91
CA LYS A 551 38.31 -14.72 -6.58
C LYS A 551 38.79 -13.65 -5.60
N ASP A 552 37.86 -12.82 -5.13
CA ASP A 552 38.19 -11.69 -4.28
C ASP A 552 37.91 -11.98 -2.82
N GLU A 553 38.86 -11.65 -1.95
CA GLU A 553 38.68 -11.79 -0.49
C GLU A 553 37.76 -10.70 0.08
N ARG A 554 37.67 -9.58 -0.62
CA ARG A 554 36.74 -8.49 -0.27
C ARG A 554 35.30 -9.01 -0.27
N ILE A 555 34.94 -9.70 -1.35
CA ILE A 555 33.59 -10.19 -1.54
C ILE A 555 33.29 -11.41 -0.64
N ARG A 556 34.34 -12.07 -0.17
CA ARG A 556 34.20 -13.15 0.81
C ARG A 556 33.43 -12.66 2.04
N GLN A 557 33.90 -11.55 2.60
CA GLN A 557 33.23 -10.93 3.73
C GLN A 557 31.83 -10.49 3.33
N VAL A 558 31.75 -9.60 2.35
CA VAL A 558 30.48 -9.01 1.89
C VAL A 558 29.32 -10.01 1.88
N ILE A 559 29.55 -11.19 1.31
CA ILE A 559 28.52 -12.22 1.22
C ILE A 559 28.18 -12.86 2.57
N GLU A 560 29.20 -13.18 3.35
CA GLU A 560 28.99 -13.74 4.70
C GLU A 560 28.31 -12.73 5.62
N VAL A 561 28.76 -11.48 5.56
CA VAL A 561 28.21 -10.40 6.37
C VAL A 561 26.73 -10.14 6.03
N ALA A 562 26.40 -10.14 4.74
CA ALA A 562 25.04 -9.91 4.28
C ALA A 562 24.03 -10.97 4.74
N MET A 563 24.50 -12.20 4.94
CA MET A 563 23.63 -13.27 5.45
C MET A 563 23.59 -13.24 6.98
N ARG A 564 24.56 -12.55 7.58
CA ARG A 564 24.59 -12.34 9.01
C ARG A 564 23.64 -11.21 9.38
N LEU A 565 23.36 -10.33 8.41
CA LEU A 565 22.48 -9.20 8.61
C LEU A 565 21.09 -9.38 7.99
N GLU A 566 20.84 -10.54 7.39
CA GLU A 566 19.62 -10.75 6.62
C GLU A 566 18.33 -10.60 7.43
N GLY A 567 18.23 -11.27 8.56
CA GLY A 567 16.99 -11.30 9.34
C GLY A 567 16.56 -9.97 9.97
N LEU A 568 17.47 -9.00 10.00
CA LEU A 568 17.24 -7.74 10.70
C LEU A 568 16.09 -6.89 10.16
N ASN A 569 15.73 -5.87 10.93
CA ASN A 569 14.58 -5.03 10.65
C ASN A 569 14.94 -3.63 10.16
N ARG A 570 14.05 -3.04 9.35
CA ARG A 570 14.17 -1.64 8.95
C ARG A 570 13.67 -0.72 10.07
N HIS A 571 12.59 0.01 9.83
CA HIS A 571 11.92 0.81 10.88
C HIS A 571 10.47 0.38 11.11
N ALA A 572 9.69 1.23 11.79
CA ALA A 572 8.32 0.89 12.18
C ALA A 572 7.25 1.74 11.47
N SER A 573 6.70 1.18 10.38
CA SER A 573 5.63 1.84 9.62
C SER A 573 4.27 1.53 10.24
N VAL A 574 3.27 2.29 9.82
CA VAL A 574 1.89 1.96 10.10
C VAL A 574 1.48 0.94 9.06
N HIS A 575 0.61 0.01 9.44
CA HIS A 575 -0.01 -0.88 8.47
C HIS A 575 -1.09 -0.09 7.73
N ALA A 576 -1.07 -0.20 6.41
CA ALA A 576 -2.04 0.48 5.54
C ALA A 576 -3.49 0.15 5.87
N ALA A 577 -3.71 -0.90 6.66
CA ALA A 577 -5.05 -1.38 6.93
C ALA A 577 -5.35 -1.75 8.37
N GLY A 578 -4.34 -2.20 9.11
CA GLY A 578 -4.53 -2.74 10.45
C GLY A 578 -5.13 -1.76 11.44
N VAL A 579 -6.14 -2.22 12.18
CA VAL A 579 -6.76 -1.43 13.24
C VAL A 579 -7.14 -2.38 14.37
N VAL A 580 -6.95 -1.93 15.61
CA VAL A 580 -7.35 -2.72 16.77
C VAL A 580 -8.39 -1.95 17.54
N ILE A 581 -9.48 -2.63 17.90
CA ILE A 581 -10.39 -2.12 18.90
C ILE A 581 -10.27 -3.07 20.07
N ALA A 582 -9.64 -2.60 21.14
CA ALA A 582 -9.47 -3.40 22.34
C ALA A 582 -10.66 -3.24 23.28
N ALA A 583 -10.84 -4.20 24.18
CA ALA A 583 -11.96 -4.15 25.13
C ALA A 583 -11.62 -3.31 26.36
N GLU A 584 -10.39 -3.44 26.84
CA GLU A 584 -9.87 -2.65 27.96
C GLU A 584 -8.80 -1.68 27.45
N PRO A 585 -8.40 -0.68 28.28
CA PRO A 585 -7.40 0.29 27.80
C PRO A 585 -6.19 -0.40 27.18
N LEU A 586 -5.88 -0.05 25.93
CA LEU A 586 -4.78 -0.69 25.19
C LEU A 586 -3.51 -0.88 26.00
N THR A 587 -3.10 0.19 26.68
CA THR A 587 -1.86 0.23 27.44
C THR A 587 -1.78 -0.82 28.54
N ASP A 588 -2.90 -1.52 28.78
CA ASP A 588 -2.95 -2.60 29.75
C ASP A 588 -2.32 -3.90 29.23
N LEU A 589 -2.09 -3.99 27.93
CA LEU A 589 -1.63 -5.24 27.34
C LEU A 589 -0.72 -5.02 26.14
N VAL A 590 -0.96 -3.94 25.41
CA VAL A 590 -0.24 -3.66 24.18
C VAL A 590 0.34 -2.25 24.17
N PRO A 591 1.68 -2.12 24.05
CA PRO A 591 2.35 -0.81 24.03
C PRO A 591 2.07 -0.04 22.75
N LEU A 592 2.07 1.29 22.85
CA LEU A 592 1.72 2.15 21.74
C LEU A 592 2.86 3.06 21.26
N MET A 593 2.59 3.70 20.13
CA MET A 593 3.47 4.65 19.49
C MET A 593 2.59 5.71 18.88
N ARG A 594 3.21 6.72 18.29
CA ARG A 594 2.50 7.67 17.48
C ARG A 594 3.41 7.99 16.32
N ASP A 595 2.93 7.73 15.10
CA ASP A 595 3.72 7.94 13.90
C ASP A 595 3.90 9.43 13.58
N GLN A 596 4.48 9.73 12.42
CA GLN A 596 4.83 11.11 12.10
C GLN A 596 3.62 11.98 11.79
N GLU A 597 2.53 11.33 11.39
CA GLU A 597 1.29 12.02 11.11
C GLU A 597 0.33 12.03 12.30
N GLY A 598 0.81 11.58 13.46
CA GLY A 598 -0.01 11.60 14.66
C GLY A 598 -0.93 10.40 14.85
N ARG A 599 -0.76 9.38 14.01
CA ARG A 599 -1.53 8.15 14.14
C ARG A 599 -1.08 7.37 15.38
N PRO A 600 -2.04 6.90 16.20
CA PRO A 600 -1.65 6.04 17.31
C PRO A 600 -1.41 4.63 16.78
N VAL A 601 -0.23 4.10 17.05
CA VAL A 601 0.21 2.83 16.47
C VAL A 601 0.65 1.83 17.54
N THR A 602 0.27 0.58 17.33
CA THR A 602 0.65 -0.56 18.15
C THR A 602 2.15 -0.87 17.99
N GLN A 603 2.83 -1.16 19.09
CA GLN A 603 4.24 -1.57 19.02
C GLN A 603 4.43 -3.03 18.62
N TYR A 604 3.36 -3.81 18.69
CA TYR A 604 3.34 -5.20 18.27
C TYR A 604 2.82 -5.29 16.84
N ASP A 605 3.23 -6.31 16.09
CA ASP A 605 2.77 -6.48 14.71
C ASP A 605 1.41 -7.20 14.60
N MET A 606 0.91 -7.31 13.36
CA MET A 606 -0.28 -8.09 13.00
C MET A 606 -0.53 -9.29 13.90
N GLY A 607 0.42 -10.23 13.86
CA GLY A 607 0.30 -11.53 14.49
C GLY A 607 0.39 -11.48 16.00
N ALA A 608 1.39 -10.77 16.52
CA ALA A 608 1.55 -10.59 17.96
C ALA A 608 0.27 -10.07 18.59
N VAL A 609 -0.35 -9.07 17.97
CA VAL A 609 -1.62 -8.50 18.44
C VAL A 609 -2.68 -9.60 18.43
N GLU A 610 -2.78 -10.29 17.30
CA GLU A 610 -3.80 -11.33 17.17
C GLU A 610 -3.57 -12.51 18.10
N ALA A 611 -2.31 -12.80 18.42
CA ALA A 611 -1.97 -13.88 19.34
C ALA A 611 -2.23 -13.52 20.80
N LEU A 612 -2.62 -12.27 21.05
CA LEU A 612 -3.04 -11.84 22.38
C LEU A 612 -4.57 -11.77 22.46
N GLY A 613 -5.22 -12.29 21.42
CA GLY A 613 -6.68 -12.34 21.33
C GLY A 613 -7.31 -10.96 21.39
N LEU A 614 -6.95 -10.11 20.44
CA LEU A 614 -7.54 -8.79 20.35
C LEU A 614 -8.26 -8.64 19.03
N LEU A 615 -9.35 -7.88 19.05
CA LEU A 615 -10.15 -7.68 17.87
C LEU A 615 -9.41 -6.81 16.86
N LYS A 616 -9.04 -7.42 15.73
CA LYS A 616 -8.33 -6.72 14.68
C LYS A 616 -9.15 -6.70 13.39
N MET A 617 -9.29 -5.51 12.82
CA MET A 617 -10.01 -5.28 11.58
C MET A 617 -9.03 -4.80 10.52
N ASP A 618 -9.45 -4.81 9.27
CA ASP A 618 -8.71 -4.10 8.22
C ASP A 618 -9.62 -3.05 7.59
N PHE A 619 -9.16 -1.81 7.59
CA PHE A 619 -9.82 -0.75 6.86
C PHE A 619 -8.87 -0.44 5.74
N LEU A 620 -9.19 -0.91 4.53
CA LEU A 620 -8.35 -0.67 3.35
C LEU A 620 -8.77 0.59 2.60
N GLY A 621 -7.78 1.38 2.19
CA GLY A 621 -8.03 2.50 1.29
C GLY A 621 -8.03 1.99 -0.14
N LEU A 622 -9.11 2.24 -0.87
CA LEU A 622 -9.21 1.74 -2.23
C LEU A 622 -9.44 2.88 -3.24
N ARG A 623 -8.56 3.01 -4.22
CA ARG A 623 -8.69 4.02 -5.27
C ARG A 623 -10.01 3.96 -6.01
N THR A 624 -10.35 2.78 -6.53
CA THR A 624 -11.54 2.61 -7.34
C THR A 624 -12.78 3.22 -6.69
N LEU A 625 -12.94 3.02 -5.38
CA LEU A 625 -14.04 3.61 -4.63
C LEU A 625 -14.07 5.15 -4.72
N THR A 626 -12.94 5.79 -4.41
CA THR A 626 -12.77 7.23 -4.55
C THR A 626 -13.09 7.73 -5.96
N PHE A 627 -12.73 6.92 -6.96
CA PHE A 627 -13.01 7.22 -8.37
C PHE A 627 -14.51 7.14 -8.68
N LEU A 628 -15.16 6.12 -8.16
CA LEU A 628 -16.59 5.94 -8.43
C LEU A 628 -17.42 7.05 -7.77
N ASP A 629 -16.86 7.73 -6.78
CA ASP A 629 -17.53 8.86 -6.16
C ASP A 629 -17.55 10.09 -7.05
N GLU A 630 -16.37 10.49 -7.53
CA GLU A 630 -16.25 11.62 -8.46
C GLU A 630 -17.04 11.40 -9.74
N ALA A 631 -17.05 10.14 -10.19
CA ALA A 631 -17.85 9.77 -11.35
C ALA A 631 -19.33 10.12 -11.10
N ARG A 632 -19.87 9.61 -9.99
CA ARG A 632 -21.26 9.88 -9.63
C ARG A 632 -21.56 11.37 -9.50
N ARG A 633 -20.62 12.09 -8.87
CA ARG A 633 -20.74 13.53 -8.69
C ARG A 633 -20.78 14.23 -10.04
N ILE A 634 -19.83 13.91 -10.91
CA ILE A 634 -19.73 14.57 -12.22
C ILE A 634 -20.92 14.25 -13.12
N VAL A 635 -21.32 12.98 -13.14
CA VAL A 635 -22.52 12.54 -13.87
C VAL A 635 -23.75 13.35 -13.46
N LYS A 636 -23.97 13.46 -12.15
CA LYS A 636 -25.10 14.22 -11.61
C LYS A 636 -25.10 15.62 -12.17
N GLU A 637 -23.99 16.33 -12.00
CA GLU A 637 -23.89 17.71 -12.46
C GLU A 637 -23.97 17.84 -13.99
N SER A 638 -23.48 16.82 -14.70
CA SER A 638 -23.44 16.85 -16.16
C SER A 638 -24.82 16.68 -16.78
N LYS A 639 -25.54 15.63 -16.36
CA LYS A 639 -26.83 15.29 -16.96
C LYS A 639 -27.99 14.95 -15.99
N GLY A 640 -27.83 15.29 -14.72
CA GLY A 640 -28.91 15.13 -13.74
C GLY A 640 -29.19 13.71 -13.30
N VAL A 641 -28.41 12.76 -13.81
CA VAL A 641 -28.59 11.35 -13.51
C VAL A 641 -28.02 10.99 -12.14
N GLU A 642 -28.83 10.32 -11.33
CA GLU A 642 -28.38 9.81 -10.05
C GLU A 642 -27.88 8.37 -10.19
N LEU A 643 -26.56 8.21 -10.28
CA LEU A 643 -25.95 6.87 -10.36
C LEU A 643 -26.00 6.14 -9.02
N ASP A 644 -26.91 5.17 -8.92
CA ASP A 644 -27.05 4.39 -7.71
C ASP A 644 -26.38 3.04 -7.91
N TYR A 645 -25.05 2.99 -7.74
CA TYR A 645 -24.27 1.78 -8.03
C TYR A 645 -24.86 0.47 -7.52
N ASP A 646 -25.47 0.51 -6.33
CA ASP A 646 -25.97 -0.69 -5.66
C ASP A 646 -27.38 -1.05 -6.14
N ARG A 647 -27.79 -0.48 -7.27
CA ARG A 647 -29.12 -0.71 -7.83
C ARG A 647 -29.04 -0.88 -9.35
N LEU A 648 -27.82 -0.99 -9.87
CA LEU A 648 -27.61 -1.14 -11.30
C LEU A 648 -27.94 -2.55 -11.76
N PRO A 649 -28.52 -2.70 -12.97
CA PRO A 649 -28.67 -4.04 -13.54
C PRO A 649 -27.30 -4.65 -13.90
N LEU A 650 -27.17 -5.95 -13.66
CA LEU A 650 -25.89 -6.63 -13.78
C LEU A 650 -25.80 -7.37 -15.11
N ASP A 651 -26.76 -7.10 -15.99
CA ASP A 651 -26.81 -7.74 -17.30
C ASP A 651 -26.94 -6.71 -18.41
N ASP A 652 -26.31 -5.56 -18.22
CA ASP A 652 -26.34 -4.49 -19.20
C ASP A 652 -25.44 -4.80 -20.40
N PRO A 653 -26.04 -4.86 -21.61
CA PRO A 653 -25.32 -5.24 -22.83
C PRO A 653 -24.12 -4.35 -23.14
N LYS A 654 -24.34 -3.03 -23.21
CA LYS A 654 -23.27 -2.10 -23.62
C LYS A 654 -22.01 -2.11 -22.74
N THR A 655 -22.15 -2.60 -21.50
CA THR A 655 -21.02 -2.78 -20.60
C THR A 655 -20.14 -3.95 -21.05
N PHE A 656 -20.76 -5.11 -21.25
CA PHE A 656 -20.02 -6.30 -21.67
C PHE A 656 -19.42 -6.18 -23.06
N GLU A 657 -20.14 -5.50 -23.96
CA GLU A 657 -19.65 -5.22 -25.31
C GLU A 657 -18.37 -4.40 -25.29
N LEU A 658 -18.26 -3.49 -24.31
CA LEU A 658 -17.06 -2.66 -24.14
C LEU A 658 -15.88 -3.47 -23.63
N LEU A 659 -16.14 -4.35 -22.66
CA LEU A 659 -15.11 -5.25 -22.15
C LEU A 659 -14.67 -6.20 -23.26
N SER A 660 -15.65 -6.68 -24.04
CA SER A 660 -15.37 -7.55 -25.18
C SER A 660 -14.50 -6.85 -26.23
N ARG A 661 -14.68 -5.55 -26.39
CA ARG A 661 -13.85 -4.76 -27.31
C ARG A 661 -12.45 -4.54 -26.73
N GLY A 662 -12.28 -4.88 -25.45
CA GLY A 662 -10.99 -4.74 -24.77
C GLY A 662 -10.63 -3.31 -24.42
N GLU A 663 -11.65 -2.49 -24.20
CA GLU A 663 -11.46 -1.08 -23.82
C GLU A 663 -11.43 -0.94 -22.30
N THR A 664 -10.48 -1.65 -21.71
CA THR A 664 -10.33 -1.77 -20.25
C THR A 664 -9.46 -0.67 -19.65
N LYS A 665 -9.25 0.40 -20.41
CA LYS A 665 -8.29 1.46 -20.07
C LYS A 665 -8.31 1.92 -18.60
N GLY A 666 -9.49 2.15 -18.03
CA GLY A 666 -9.59 2.62 -16.65
C GLY A 666 -10.42 1.71 -15.77
N VAL A 667 -10.51 0.45 -16.17
CA VAL A 667 -11.43 -0.50 -15.56
C VAL A 667 -10.77 -1.38 -14.49
N PHE A 668 -11.28 -1.23 -13.27
CA PHE A 668 -10.73 -1.88 -12.09
C PHE A 668 -10.47 -3.35 -12.29
N GLN A 669 -9.31 -3.78 -11.81
CA GLN A 669 -8.91 -5.19 -11.77
C GLN A 669 -8.38 -5.74 -13.08
N LEU A 670 -8.87 -5.24 -14.22
CA LEU A 670 -8.45 -5.82 -15.48
C LEU A 670 -7.78 -4.87 -16.47
N GLU A 671 -6.63 -4.32 -16.04
CA GLU A 671 -5.91 -3.31 -16.82
C GLU A 671 -4.54 -3.76 -17.30
N SER A 672 -4.12 -4.96 -16.90
CA SER A 672 -2.83 -5.53 -17.31
C SER A 672 -2.84 -5.71 -18.81
N GLY A 673 -1.68 -5.53 -19.44
CA GLY A 673 -1.54 -5.78 -20.87
C GLY A 673 -2.17 -7.11 -21.24
N GLY A 674 -1.68 -8.19 -20.62
CA GLY A 674 -2.17 -9.54 -20.89
C GLY A 674 -3.65 -9.72 -20.59
N MET A 675 -4.07 -9.23 -19.42
CA MET A 675 -5.47 -9.33 -19.02
C MET A 675 -6.39 -8.70 -20.07
N THR A 676 -6.02 -7.51 -20.54
CA THR A 676 -6.79 -6.80 -21.57
C THR A 676 -6.98 -7.66 -22.82
N ALA A 677 -5.92 -8.28 -23.28
CA ALA A 677 -5.98 -9.20 -24.42
C ALA A 677 -6.94 -10.36 -24.13
N THR A 678 -6.84 -10.94 -22.94
CA THR A 678 -7.67 -12.08 -22.56
C THR A 678 -9.16 -11.74 -22.58
N VAL A 679 -9.53 -10.55 -22.10
CA VAL A 679 -10.93 -10.15 -22.09
C VAL A 679 -11.47 -10.00 -23.51
N ARG A 680 -10.68 -9.41 -24.40
CA ARG A 680 -11.00 -9.33 -25.83
C ARG A 680 -11.19 -10.72 -26.45
N GLY A 681 -10.42 -11.68 -25.96
CA GLY A 681 -10.50 -13.05 -26.45
C GLY A 681 -11.74 -13.75 -25.93
N LEU A 682 -11.97 -13.60 -24.63
CA LEU A 682 -13.09 -14.27 -23.97
C LEU A 682 -14.43 -13.72 -24.43
N LYS A 683 -14.53 -12.39 -24.52
CA LYS A 683 -15.78 -11.70 -24.86
C LYS A 683 -16.89 -12.00 -23.84
N PRO A 684 -16.71 -11.53 -22.59
CA PRO A 684 -17.61 -11.90 -21.50
C PRO A 684 -19.01 -11.36 -21.74
N ARG A 685 -20.04 -12.10 -21.33
CA ARG A 685 -21.43 -11.70 -21.56
C ARG A 685 -22.24 -11.51 -20.27
N ARG A 686 -21.77 -12.10 -19.18
CA ARG A 686 -22.41 -11.95 -17.88
C ARG A 686 -21.34 -11.72 -16.82
N LEU A 687 -21.76 -11.27 -15.64
CA LEU A 687 -20.81 -10.92 -14.59
C LEU A 687 -19.94 -12.11 -14.20
N GLU A 688 -20.52 -13.31 -14.24
CA GLU A 688 -19.83 -14.54 -13.87
C GLU A 688 -18.58 -14.81 -14.71
N ASP A 689 -18.57 -14.29 -15.92
CA ASP A 689 -17.40 -14.38 -16.78
C ASP A 689 -16.25 -13.56 -16.19
N ILE A 690 -16.56 -12.37 -15.69
CA ILE A 690 -15.54 -11.53 -15.06
C ILE A 690 -14.99 -12.23 -13.81
N ILE A 691 -15.90 -12.75 -12.99
CA ILE A 691 -15.53 -13.45 -11.76
C ILE A 691 -14.51 -14.56 -12.06
N ALA A 692 -14.82 -15.41 -13.03
CA ALA A 692 -13.97 -16.55 -13.41
C ALA A 692 -12.69 -16.11 -14.10
N LEU A 693 -12.77 -15.04 -14.88
CA LEU A 693 -11.61 -14.58 -15.59
C LEU A 693 -10.58 -14.06 -14.60
N VAL A 694 -11.03 -13.28 -13.62
CA VAL A 694 -10.15 -12.67 -12.62
C VAL A 694 -9.54 -13.75 -11.73
N SER A 695 -10.32 -14.79 -11.47
CA SER A 695 -9.88 -15.90 -10.62
C SER A 695 -8.81 -16.74 -11.28
N LEU A 696 -8.95 -16.98 -12.59
CA LEU A 696 -8.05 -17.87 -13.32
C LEU A 696 -6.82 -17.17 -13.88
N TYR A 697 -6.89 -15.86 -14.11
CA TYR A 697 -5.77 -15.15 -14.71
C TYR A 697 -4.68 -14.86 -13.68
N ARG A 698 -3.78 -15.83 -13.55
CA ARG A 698 -2.64 -15.75 -12.64
C ARG A 698 -1.80 -17.01 -12.90
N PRO A 699 -0.47 -16.94 -12.68
CA PRO A 699 0.38 -18.12 -12.91
C PRO A 699 -0.20 -19.38 -12.26
N GLY A 700 -0.36 -20.43 -13.07
CA GLY A 700 -0.98 -21.67 -12.58
C GLY A 700 -2.30 -21.96 -13.27
N PRO A 701 -3.41 -21.46 -12.71
CA PRO A 701 -4.70 -21.63 -13.39
C PRO A 701 -4.76 -20.98 -14.77
N MET A 702 -3.86 -20.02 -15.03
CA MET A 702 -3.76 -19.33 -16.34
C MET A 702 -4.08 -20.26 -17.52
N GLU A 703 -3.56 -21.48 -17.46
CA GLU A 703 -3.70 -22.48 -18.52
C GLU A 703 -5.15 -22.94 -18.78
N HIS A 704 -6.01 -22.86 -17.76
CA HIS A 704 -7.39 -23.31 -17.92
C HIS A 704 -8.26 -22.35 -18.73
N ILE A 705 -7.72 -21.16 -19.04
CA ILE A 705 -8.50 -20.11 -19.72
C ILE A 705 -8.85 -20.41 -21.19
N PRO A 706 -7.88 -20.94 -21.97
CA PRO A 706 -8.21 -21.34 -23.34
C PRO A 706 -9.38 -22.33 -23.38
N THR A 707 -9.35 -23.32 -22.50
CA THR A 707 -10.44 -24.29 -22.38
C THR A 707 -11.74 -23.55 -22.09
N TYR A 708 -11.70 -22.67 -21.09
CA TYR A 708 -12.85 -21.84 -20.70
C TYR A 708 -13.43 -21.11 -21.91
N ILE A 709 -12.55 -20.50 -22.71
CA ILE A 709 -12.94 -19.70 -23.87
C ILE A 709 -13.64 -20.51 -24.98
N ARG A 710 -13.05 -21.64 -25.37
CA ARG A 710 -13.64 -22.47 -26.42
C ARG A 710 -15.00 -23.01 -26.01
N ARG A 711 -15.14 -23.30 -24.72
CA ARG A 711 -16.40 -23.75 -24.15
C ARG A 711 -17.38 -22.59 -24.04
N HIS A 712 -16.87 -21.43 -23.64
CA HIS A 712 -17.68 -20.21 -23.58
C HIS A 712 -18.19 -19.75 -24.97
N HIS A 713 -17.35 -19.90 -26.00
CA HIS A 713 -17.73 -19.54 -27.36
C HIS A 713 -18.72 -20.52 -28.00
N GLY A 714 -19.12 -21.54 -27.23
CA GLY A 714 -20.01 -22.59 -27.71
C GLY A 714 -19.39 -23.40 -28.85
N GLN A 715 -18.13 -23.78 -28.68
CA GLN A 715 -17.43 -24.57 -29.70
C GLN A 715 -16.68 -25.77 -29.11
N GLU A 716 -17.05 -26.16 -27.90
CA GLU A 716 -16.53 -27.36 -27.25
C GLU A 716 -17.51 -27.82 -26.18
N PRO A 717 -18.00 -29.07 -26.31
CA PRO A 717 -18.92 -29.62 -25.30
C PRO A 717 -18.31 -29.64 -23.90
N VAL A 718 -19.16 -29.43 -22.91
CA VAL A 718 -18.80 -29.54 -21.50
C VAL A 718 -19.26 -30.94 -21.05
N SER A 719 -18.33 -31.89 -20.94
CA SER A 719 -18.71 -33.28 -20.64
C SER A 719 -18.15 -33.80 -19.32
N TYR A 720 -18.94 -34.65 -18.66
CA TYR A 720 -18.59 -35.20 -17.36
C TYR A 720 -18.56 -36.72 -17.44
N ALA A 721 -18.18 -37.22 -18.62
CA ALA A 721 -18.19 -38.66 -18.91
C ALA A 721 -17.29 -39.49 -17.98
N GLU A 722 -16.24 -38.85 -17.47
CA GLU A 722 -15.27 -39.52 -16.60
C GLU A 722 -15.84 -39.82 -15.20
N PHE A 723 -16.99 -39.21 -14.91
CA PHE A 723 -17.70 -39.46 -13.65
C PHE A 723 -19.21 -39.54 -13.93
N PRO A 724 -19.64 -40.61 -14.64
CA PRO A 724 -21.04 -40.72 -15.06
C PRO A 724 -22.03 -40.76 -13.89
N HIS A 725 -21.63 -41.37 -12.77
CA HIS A 725 -22.50 -41.49 -11.61
C HIS A 725 -22.48 -40.23 -10.73
N ALA A 726 -21.43 -39.42 -10.85
CA ALA A 726 -21.30 -38.18 -10.09
C ALA A 726 -21.85 -36.96 -10.84
N GLU A 727 -22.14 -37.14 -12.13
CA GLU A 727 -22.59 -36.07 -13.00
C GLU A 727 -23.77 -35.29 -12.43
N LYS A 728 -24.72 -36.01 -11.83
CA LYS A 728 -25.90 -35.39 -11.22
C LYS A 728 -25.56 -34.35 -10.13
N TYR A 729 -24.35 -34.44 -9.58
CA TYR A 729 -23.89 -33.47 -8.59
C TYR A 729 -22.94 -32.43 -9.21
N LEU A 730 -22.11 -32.89 -10.15
CA LEU A 730 -21.09 -32.05 -10.77
C LEU A 730 -21.68 -30.94 -11.65
N ARG A 731 -22.67 -31.29 -12.48
CA ARG A 731 -23.24 -30.32 -13.41
C ARG A 731 -23.73 -29.04 -12.74
N PRO A 732 -24.67 -29.16 -11.77
CA PRO A 732 -25.23 -27.95 -11.17
C PRO A 732 -24.18 -27.01 -10.59
N ILE A 733 -23.05 -27.58 -10.15
CA ILE A 733 -21.97 -26.81 -9.57
C ILE A 733 -21.07 -26.20 -10.66
N LEU A 734 -20.60 -27.04 -11.58
CA LEU A 734 -19.57 -26.64 -12.54
C LEU A 734 -20.09 -26.11 -13.89
N ASP A 735 -21.41 -26.14 -14.08
CA ASP A 735 -21.98 -25.60 -15.32
C ASP A 735 -21.73 -24.12 -15.42
N GLU A 736 -22.09 -23.38 -14.38
CA GLU A 736 -21.81 -21.96 -14.30
C GLU A 736 -20.40 -21.57 -14.81
N THR A 737 -19.48 -22.51 -14.75
CA THR A 737 -18.09 -22.21 -15.06
C THR A 737 -17.48 -23.21 -16.05
N TYR A 738 -18.33 -23.71 -16.97
CA TYR A 738 -17.97 -24.65 -18.05
C TYR A 738 -17.16 -25.87 -17.63
N GLY A 739 -17.61 -26.53 -16.56
CA GLY A 739 -16.99 -27.75 -16.07
C GLY A 739 -15.71 -27.60 -15.25
N ILE A 740 -15.10 -26.42 -15.30
CA ILE A 740 -13.84 -26.19 -14.60
C ILE A 740 -14.05 -25.82 -13.11
N PRO A 741 -13.43 -26.59 -12.19
CA PRO A 741 -13.40 -26.20 -10.78
C PRO A 741 -12.44 -25.01 -10.57
N VAL A 742 -13.04 -23.83 -10.50
CA VAL A 742 -12.31 -22.59 -10.42
C VAL A 742 -12.31 -22.11 -8.97
N TYR A 743 -13.46 -22.25 -8.32
CA TYR A 743 -13.65 -21.69 -7.00
C TYR A 743 -13.50 -22.74 -5.92
N GLN A 744 -12.93 -22.33 -4.79
CA GLN A 744 -12.83 -23.17 -3.62
C GLN A 744 -14.23 -23.64 -3.23
N GLU A 745 -15.19 -22.74 -3.30
CA GLU A 745 -16.58 -23.03 -2.97
C GLU A 745 -17.12 -24.18 -3.83
N GLN A 746 -16.68 -24.23 -5.08
CA GLN A 746 -17.12 -25.28 -6.00
C GLN A 746 -16.65 -26.64 -5.52
N ILE A 747 -15.43 -26.69 -5.01
CA ILE A 747 -14.87 -27.91 -4.46
C ILE A 747 -15.64 -28.32 -3.20
N MET A 748 -15.80 -27.38 -2.27
CA MET A 748 -16.51 -27.64 -1.03
C MET A 748 -17.85 -28.30 -1.32
N GLN A 749 -18.59 -27.73 -2.26
CA GLN A 749 -19.90 -28.25 -2.61
C GLN A 749 -19.82 -29.66 -3.20
N ILE A 750 -18.88 -29.87 -4.12
CA ILE A 750 -18.66 -31.18 -4.73
C ILE A 750 -18.47 -32.23 -3.63
N ALA A 751 -17.51 -31.97 -2.74
CA ALA A 751 -17.21 -32.87 -1.64
C ALA A 751 -18.34 -33.01 -0.64
N SER A 752 -19.15 -31.96 -0.50
CA SER A 752 -20.28 -32.00 0.44
C SER A 752 -21.46 -32.79 -0.10
N GLN A 753 -21.62 -32.79 -1.42
CA GLN A 753 -22.74 -33.47 -2.04
C GLN A 753 -22.43 -34.91 -2.43
N VAL A 754 -21.26 -35.12 -3.04
CA VAL A 754 -20.85 -36.47 -3.45
C VAL A 754 -20.56 -37.36 -2.25
N ALA A 755 -19.76 -36.85 -1.31
CA ALA A 755 -19.33 -37.62 -0.14
C ALA A 755 -20.33 -37.58 1.03
N GLY A 756 -21.27 -36.64 0.99
CA GLY A 756 -22.23 -36.48 2.08
C GLY A 756 -21.68 -35.66 3.23
N TYR A 757 -20.48 -35.10 3.02
CA TYR A 757 -19.83 -34.21 3.99
C TYR A 757 -20.72 -33.05 4.40
N SER A 758 -20.55 -32.60 5.64
CA SER A 758 -21.09 -31.31 6.06
C SER A 758 -20.32 -30.23 5.31
N LEU A 759 -21.03 -29.21 4.86
CA LEU A 759 -20.42 -28.13 4.09
C LEU A 759 -19.25 -27.51 4.88
N GLY A 760 -19.38 -27.46 6.20
CA GLY A 760 -18.31 -27.06 7.09
C GLY A 760 -17.11 -28.01 7.09
N GLU A 761 -17.37 -29.31 6.95
CA GLU A 761 -16.31 -30.31 6.89
C GLU A 761 -15.54 -30.20 5.59
N ALA A 762 -16.27 -29.95 4.51
CA ALA A 762 -15.67 -29.77 3.20
C ALA A 762 -14.64 -28.64 3.23
N ASP A 763 -14.93 -27.63 4.07
CA ASP A 763 -13.99 -26.54 4.31
C ASP A 763 -12.68 -27.11 4.90
N LEU A 764 -12.80 -27.85 6.00
CA LEU A 764 -11.66 -28.51 6.64
C LEU A 764 -10.88 -29.34 5.62
N LEU A 765 -11.62 -30.01 4.73
CA LEU A 765 -11.01 -30.83 3.68
C LEU A 765 -10.13 -29.98 2.77
N ARG A 766 -10.66 -28.84 2.31
CA ARG A 766 -9.89 -27.90 1.48
C ARG A 766 -8.62 -27.40 2.17
N ARG A 767 -8.69 -27.20 3.50
CA ARG A 767 -7.52 -26.82 4.29
C ARG A 767 -6.50 -27.95 4.26
N ALA A 768 -6.99 -29.17 4.41
CA ALA A 768 -6.13 -30.36 4.44
C ALA A 768 -5.54 -30.68 3.07
N MET A 769 -6.25 -30.31 2.00
CA MET A 769 -5.73 -30.42 0.63
C MET A 769 -4.57 -29.43 0.46
N GLY A 770 -4.71 -28.26 1.09
CA GLY A 770 -3.71 -27.18 1.02
C GLY A 770 -2.47 -27.44 1.84
N LYS A 771 -2.66 -28.02 3.03
CA LYS A 771 -1.55 -28.41 3.91
C LYS A 771 -0.73 -29.54 3.29
N LYS A 772 -1.40 -30.40 2.52
CA LYS A 772 -0.79 -31.57 1.88
C LYS A 772 -0.09 -32.47 2.89
N ARG A 773 -0.77 -32.70 4.02
CA ARG A 773 -0.22 -33.49 5.10
C ARG A 773 0.09 -34.92 4.64
N VAL A 774 1.37 -35.25 4.66
CA VAL A 774 1.92 -36.53 4.19
C VAL A 774 0.88 -37.63 3.94
N GLU A 775 0.34 -38.21 5.02
CA GLU A 775 -0.55 -39.36 4.92
C GLU A 775 -1.90 -39.19 5.62
N GLU A 776 -2.10 -38.03 6.27
CA GLU A 776 -3.39 -37.68 6.87
C GLU A 776 -4.43 -37.43 5.76
N MET A 777 -3.94 -37.24 4.54
CA MET A 777 -4.78 -37.12 3.36
C MET A 777 -5.53 -38.42 3.04
N GLN A 778 -4.91 -39.55 3.37
CA GLN A 778 -5.50 -40.87 3.15
C GLN A 778 -6.67 -41.17 4.08
N LYS A 779 -6.80 -40.39 5.16
CA LYS A 779 -7.93 -40.51 6.08
C LYS A 779 -9.20 -39.97 5.44
N HIS A 780 -9.07 -38.83 4.78
CA HIS A 780 -10.18 -38.18 4.07
C HIS A 780 -10.59 -38.99 2.83
N ARG A 781 -9.60 -39.60 2.19
CA ARG A 781 -9.82 -40.48 1.04
C ARG A 781 -10.84 -41.57 1.36
N GLU A 782 -10.55 -42.35 2.39
CA GLU A 782 -11.40 -43.45 2.79
C GLU A 782 -12.78 -42.93 3.21
N ARG A 783 -12.80 -41.83 3.96
CA ARG A 783 -14.04 -41.18 4.38
C ARG A 783 -14.86 -40.70 3.18
N PHE A 784 -14.17 -40.17 2.18
CA PHE A 784 -14.79 -39.70 0.94
C PHE A 784 -15.49 -40.85 0.22
N VAL A 785 -14.73 -41.88 -0.13
CA VAL A 785 -15.23 -43.07 -0.86
C VAL A 785 -16.41 -43.74 -0.14
N ARG A 786 -16.29 -43.87 1.18
CA ARG A 786 -17.38 -44.34 2.03
C ARG A 786 -18.71 -43.66 1.67
N GLY A 787 -18.74 -42.34 1.88
CA GLY A 787 -19.94 -41.54 1.60
C GLY A 787 -20.29 -41.46 0.12
N ALA A 788 -19.27 -41.58 -0.73
CA ALA A 788 -19.44 -41.57 -2.18
C ALA A 788 -20.23 -42.79 -2.67
N LYS A 789 -19.79 -43.97 -2.25
CA LYS A 789 -20.54 -45.21 -2.51
C LYS A 789 -21.96 -45.07 -1.99
N GLU A 790 -22.06 -44.77 -0.70
CA GLU A 790 -23.32 -44.65 0.02
C GLU A 790 -24.33 -43.74 -0.68
N ARG A 791 -23.81 -42.80 -1.47
CA ARG A 791 -24.65 -41.86 -2.19
C ARG A 791 -24.91 -42.35 -3.62
N GLY A 792 -23.84 -42.49 -4.42
CA GLY A 792 -23.99 -42.98 -5.78
C GLY A 792 -22.77 -43.66 -6.35
N VAL A 793 -21.76 -42.86 -6.68
CA VAL A 793 -20.55 -43.31 -7.37
C VAL A 793 -19.99 -44.68 -6.96
N PRO A 794 -19.64 -45.52 -7.96
CA PRO A 794 -19.23 -46.91 -7.75
C PRO A 794 -17.87 -47.08 -7.07
N GLU A 795 -17.23 -45.96 -6.75
CA GLU A 795 -15.95 -45.88 -6.02
C GLU A 795 -14.68 -45.98 -6.88
N GLU A 796 -14.83 -46.53 -8.08
CA GLU A 796 -13.79 -46.41 -9.11
C GLU A 796 -13.68 -44.93 -9.50
N GLU A 797 -14.84 -44.30 -9.66
CA GLU A 797 -14.93 -42.87 -9.93
C GLU A 797 -14.48 -42.09 -8.71
N ALA A 798 -15.00 -42.46 -7.55
CA ALA A 798 -14.71 -41.75 -6.30
C ALA A 798 -13.22 -41.46 -6.13
N ASN A 799 -12.39 -42.51 -6.15
CA ASN A 799 -10.94 -42.38 -5.97
C ASN A 799 -10.28 -41.43 -6.98
N ARG A 800 -10.81 -41.41 -8.20
CA ARG A 800 -10.28 -40.57 -9.26
C ARG A 800 -10.92 -39.18 -9.23
N LEU A 801 -12.11 -39.10 -8.64
CA LEU A 801 -12.82 -37.83 -8.46
C LEU A 801 -12.11 -37.03 -7.36
N PHE A 802 -11.67 -37.74 -6.33
CA PHE A 802 -10.83 -37.18 -5.28
C PHE A 802 -9.51 -36.71 -5.88
N ASP A 803 -9.01 -37.46 -6.86
CA ASP A 803 -7.84 -37.05 -7.65
C ASP A 803 -8.08 -35.72 -8.35
N MET A 804 -9.29 -35.53 -8.88
CA MET A 804 -9.63 -34.27 -9.55
C MET A 804 -9.68 -33.13 -8.53
N LEU A 805 -10.24 -33.41 -7.36
CA LEU A 805 -10.32 -32.40 -6.30
C LEU A 805 -8.95 -31.95 -5.85
N GLU A 806 -8.10 -32.89 -5.46
CA GLU A 806 -6.75 -32.55 -5.00
C GLU A 806 -5.93 -31.81 -6.07
N ALA A 807 -6.30 -32.01 -7.34
CA ALA A 807 -5.63 -31.33 -8.44
C ALA A 807 -6.03 -29.86 -8.53
N PHE A 808 -7.34 -29.61 -8.51
CA PHE A 808 -7.89 -28.26 -8.64
C PHE A 808 -7.88 -27.45 -7.33
N ALA A 809 -7.72 -28.14 -6.20
CA ALA A 809 -7.69 -27.47 -4.89
C ALA A 809 -6.41 -26.69 -4.64
N ASN A 810 -5.38 -26.94 -5.45
CA ASN A 810 -4.14 -26.18 -5.38
C ASN A 810 -4.33 -24.73 -5.82
N TYR A 811 -5.15 -24.53 -6.85
CA TYR A 811 -5.33 -23.23 -7.46
C TYR A 811 -6.76 -22.75 -7.35
N GLY A 812 -7.52 -23.37 -6.46
CA GLY A 812 -8.92 -23.01 -6.26
C GLY A 812 -8.99 -21.64 -5.65
N PHE A 813 -9.89 -20.80 -6.16
CA PHE A 813 -9.98 -19.43 -5.70
C PHE A 813 -11.18 -19.14 -4.79
N ASN A 814 -11.04 -18.17 -3.91
CA ASN A 814 -12.14 -17.78 -3.03
C ASN A 814 -13.11 -16.94 -3.84
N LYS A 815 -14.28 -17.52 -4.11
CA LYS A 815 -15.29 -16.88 -4.98
C LYS A 815 -15.90 -15.63 -4.36
N SER A 816 -16.16 -15.65 -3.07
CA SER A 816 -16.75 -14.48 -2.42
C SER A 816 -15.87 -13.26 -2.71
N HIS A 817 -14.57 -13.41 -2.50
CA HIS A 817 -13.68 -12.30 -2.76
C HIS A 817 -13.71 -11.91 -4.24
N ALA A 818 -13.65 -12.90 -5.12
CA ALA A 818 -13.67 -12.65 -6.55
C ALA A 818 -14.95 -11.93 -6.97
N ALA A 819 -16.10 -12.45 -6.54
CA ALA A 819 -17.40 -11.90 -6.92
C ALA A 819 -17.54 -10.44 -6.49
N ALA A 820 -17.27 -10.19 -5.22
CA ALA A 820 -17.37 -8.85 -4.66
C ALA A 820 -16.52 -7.88 -5.47
N TYR A 821 -15.25 -8.23 -5.70
CA TYR A 821 -14.40 -7.32 -6.46
C TYR A 821 -14.89 -7.15 -7.91
N SER A 822 -15.30 -8.24 -8.54
CA SER A 822 -15.79 -8.21 -9.92
C SER A 822 -16.83 -7.11 -10.13
N LEU A 823 -17.68 -6.94 -9.12
CA LEU A 823 -18.76 -5.95 -9.14
C LEU A 823 -18.18 -4.52 -9.32
N LEU A 824 -17.06 -4.24 -8.68
CA LEU A 824 -16.42 -2.94 -8.85
C LEU A 824 -15.90 -2.77 -10.28
N SER A 825 -15.33 -3.85 -10.84
CA SER A 825 -14.91 -3.86 -12.23
C SER A 825 -16.08 -3.49 -13.15
N TYR A 826 -17.19 -4.21 -12.99
CA TYR A 826 -18.42 -3.96 -13.74
C TYR A 826 -18.80 -2.49 -13.63
N GLN A 827 -18.98 -2.03 -12.40
CA GLN A 827 -19.38 -0.66 -12.13
C GLN A 827 -18.49 0.32 -12.87
N THR A 828 -17.18 0.16 -12.73
CA THR A 828 -16.19 0.95 -13.47
C THR A 828 -16.50 0.93 -14.98
N ALA A 829 -16.46 -0.26 -15.58
CA ALA A 829 -16.77 -0.45 -17.00
C ALA A 829 -18.14 0.14 -17.43
N TYR A 830 -19.18 -0.09 -16.62
CA TYR A 830 -20.51 0.43 -16.89
C TYR A 830 -20.52 1.96 -17.05
N VAL A 831 -19.86 2.65 -16.12
CA VAL A 831 -19.72 4.10 -16.21
C VAL A 831 -19.08 4.48 -17.54
N LYS A 832 -17.91 3.89 -17.83
CA LYS A 832 -17.19 4.11 -19.07
C LYS A 832 -17.99 3.80 -20.34
N ALA A 833 -18.87 2.81 -20.25
CA ALA A 833 -19.70 2.42 -21.39
C ALA A 833 -20.73 3.49 -21.67
N HIS A 834 -21.39 3.95 -20.61
CA HIS A 834 -22.53 4.86 -20.73
C HIS A 834 -22.20 6.35 -20.56
N TYR A 835 -21.16 6.66 -19.81
CA TYR A 835 -20.79 8.05 -19.61
C TYR A 835 -19.29 8.23 -19.81
N PRO A 836 -18.83 8.10 -21.08
CA PRO A 836 -17.40 8.07 -21.39
C PRO A 836 -16.66 9.37 -21.07
N VAL A 837 -17.32 10.52 -21.28
CA VAL A 837 -16.68 11.81 -21.06
C VAL A 837 -16.50 12.07 -19.57
N GLU A 838 -17.59 11.92 -18.82
CA GLU A 838 -17.55 12.11 -17.38
C GLU A 838 -16.56 11.13 -16.75
N PHE A 839 -16.58 9.88 -17.21
CA PHE A 839 -15.59 8.88 -16.82
C PHE A 839 -14.18 9.49 -16.89
N MET A 840 -13.82 10.05 -18.04
CA MET A 840 -12.51 10.61 -18.25
C MET A 840 -12.24 11.83 -17.38
N ALA A 841 -13.26 12.66 -17.22
CA ALA A 841 -13.17 13.83 -16.33
C ALA A 841 -13.03 13.43 -14.87
N ALA A 842 -13.55 12.26 -14.51
CA ALA A 842 -13.39 11.77 -13.16
C ALA A 842 -11.98 11.23 -12.99
N LEU A 843 -11.47 10.57 -14.02
CA LEU A 843 -10.09 10.09 -13.99
C LEU A 843 -9.13 11.26 -13.81
N LEU A 844 -9.42 12.36 -14.50
CA LEU A 844 -8.65 13.58 -14.35
C LEU A 844 -8.80 14.14 -12.94
N SER A 845 -10.04 14.34 -12.50
CA SER A 845 -10.33 14.85 -11.17
C SER A 845 -9.59 14.09 -10.06
N VAL A 846 -9.68 12.76 -10.10
CA VAL A 846 -9.13 11.92 -9.03
C VAL A 846 -7.62 12.03 -8.91
N GLU A 847 -6.94 12.25 -10.02
CA GLU A 847 -5.48 12.37 -9.99
C GLU A 847 -5.02 13.76 -10.41
N ARG A 848 -5.79 14.76 -10.02
CA ARG A 848 -5.54 16.13 -10.46
C ARG A 848 -4.21 16.73 -9.97
N HIS A 849 -3.67 16.18 -8.88
CA HIS A 849 -2.44 16.71 -8.29
C HIS A 849 -1.17 16.07 -8.87
N ASP A 850 -1.36 15.12 -9.79
CA ASP A 850 -0.24 14.45 -10.46
C ASP A 850 -0.11 15.00 -11.89
N SER A 851 0.90 15.83 -12.11
CA SER A 851 1.12 16.47 -13.41
C SER A 851 1.35 15.46 -14.53
N ASP A 852 2.06 14.38 -14.21
CA ASP A 852 2.35 13.29 -15.16
C ASP A 852 1.11 12.52 -15.60
N LYS A 853 0.30 12.13 -14.62
CA LYS A 853 -0.96 11.44 -14.88
C LYS A 853 -1.95 12.36 -15.62
N VAL A 854 -2.10 13.60 -15.13
CA VAL A 854 -2.99 14.57 -15.78
C VAL A 854 -2.63 14.70 -17.27
N ALA A 855 -1.34 14.87 -17.55
CA ALA A 855 -0.83 14.91 -18.92
C ALA A 855 -1.27 13.68 -19.67
N GLU A 856 -1.06 12.51 -19.05
CA GLU A 856 -1.39 11.21 -19.65
C GLU A 856 -2.88 11.10 -19.96
N TYR A 857 -3.73 11.35 -18.97
CA TYR A 857 -5.18 11.29 -19.14
C TYR A 857 -5.70 12.24 -20.20
N ILE A 858 -5.10 13.42 -20.30
CA ILE A 858 -5.46 14.37 -21.35
C ILE A 858 -5.16 13.76 -22.72
N ARG A 859 -3.97 13.19 -22.89
CA ARG A 859 -3.61 12.61 -24.20
C ARG A 859 -4.45 11.38 -24.52
N ASP A 860 -4.95 10.71 -23.49
CA ASP A 860 -5.88 9.59 -23.67
C ASP A 860 -7.23 10.10 -24.18
N ALA A 861 -7.73 11.15 -23.54
CA ALA A 861 -9.01 11.76 -23.89
C ALA A 861 -9.02 12.40 -25.28
N ARG A 862 -7.95 13.12 -25.58
CA ARG A 862 -7.82 13.83 -26.85
C ARG A 862 -7.72 12.85 -28.02
N ALA A 863 -7.01 11.75 -27.81
CA ALA A 863 -6.94 10.69 -28.81
C ALA A 863 -8.08 9.68 -28.60
N LEU A 864 -9.27 10.20 -28.32
CA LEU A 864 -10.47 9.39 -28.07
C LEU A 864 -11.73 10.13 -28.52
N GLY A 865 -11.55 11.35 -29.02
CA GLY A 865 -12.66 12.18 -29.50
C GLY A 865 -13.11 13.25 -28.53
N ILE A 866 -12.67 13.14 -27.27
CA ILE A 866 -13.08 14.09 -26.23
C ILE A 866 -12.12 15.27 -26.11
N PRO A 867 -12.61 16.49 -26.37
CA PRO A 867 -11.77 17.67 -26.18
C PRO A 867 -11.62 18.07 -24.69
N VAL A 868 -10.39 18.41 -24.31
CA VAL A 868 -10.07 18.86 -22.96
C VAL A 868 -9.65 20.33 -23.04
N LEU A 869 -10.45 21.21 -22.44
CA LEU A 869 -10.29 22.66 -22.59
C LEU A 869 -9.68 23.34 -21.37
N PRO A 870 -8.90 24.44 -21.60
CA PRO A 870 -8.35 25.26 -20.52
C PRO A 870 -9.47 25.85 -19.68
N PRO A 871 -9.16 26.35 -18.47
CA PRO A 871 -10.28 26.83 -17.65
C PRO A 871 -10.88 28.10 -18.25
N ASP A 872 -12.02 28.54 -17.72
CA ASP A 872 -12.72 29.69 -18.25
C ASP A 872 -13.62 30.24 -17.16
N VAL A 873 -13.39 31.50 -16.79
CA VAL A 873 -14.11 32.17 -15.70
C VAL A 873 -15.64 32.14 -15.81
N ASN A 874 -16.15 32.04 -17.04
CA ASN A 874 -17.58 32.03 -17.31
C ASN A 874 -18.26 30.65 -17.26
N ARG A 875 -17.51 29.60 -17.55
CA ARG A 875 -18.09 28.25 -17.63
C ARG A 875 -17.54 27.26 -16.62
N SER A 876 -16.27 27.43 -16.25
CA SER A 876 -15.61 26.51 -15.33
C SER A 876 -16.28 26.45 -13.98
N GLY A 877 -16.32 25.25 -13.41
CA GLY A 877 -16.66 25.05 -12.01
C GLY A 877 -15.35 25.06 -11.24
N PHE A 878 -15.40 24.65 -9.98
CA PHE A 878 -14.21 24.62 -9.15
C PHE A 878 -13.22 23.54 -9.61
N ASP A 879 -13.75 22.34 -9.86
CA ASP A 879 -12.94 21.18 -10.26
C ASP A 879 -13.15 20.89 -11.75
N PHE A 880 -12.69 19.74 -12.23
CA PHE A 880 -12.94 19.33 -13.60
C PHE A 880 -14.46 19.22 -13.83
N LYS A 881 -14.92 19.73 -14.97
CA LYS A 881 -16.36 19.80 -15.26
C LYS A 881 -16.65 19.39 -16.71
N VAL A 882 -17.80 18.75 -16.90
CA VAL A 882 -18.27 18.37 -18.24
C VAL A 882 -19.40 19.28 -18.72
N VAL A 883 -19.08 20.12 -19.71
CA VAL A 883 -20.06 21.02 -20.34
C VAL A 883 -20.40 20.47 -21.71
N GLY A 884 -21.65 20.09 -21.89
CA GLY A 884 -22.10 19.47 -23.13
C GLY A 884 -21.41 18.14 -23.31
N GLU A 885 -20.36 18.13 -24.13
CA GLU A 885 -19.61 16.91 -24.39
C GLU A 885 -18.11 17.14 -24.35
N GLU A 886 -17.70 18.11 -23.54
CA GLU A 886 -16.29 18.46 -23.42
C GLU A 886 -15.86 18.41 -21.96
N ILE A 887 -14.57 18.20 -21.72
CA ILE A 887 -14.01 18.27 -20.38
C ILE A 887 -13.36 19.65 -20.22
N LEU A 888 -13.70 20.32 -19.14
CA LEU A 888 -13.26 21.68 -18.90
C LEU A 888 -12.55 21.79 -17.55
N PHE A 889 -11.30 22.23 -17.58
CA PHE A 889 -10.50 22.45 -16.37
C PHE A 889 -11.23 23.33 -15.36
N GLY A 890 -11.00 23.07 -14.07
CA GLY A 890 -11.53 23.90 -13.00
C GLY A 890 -10.67 25.13 -12.76
N LEU A 891 -11.17 26.06 -11.95
CA LEU A 891 -10.39 27.26 -11.65
C LEU A 891 -9.35 26.98 -10.59
N SER A 892 -9.63 26.00 -9.73
CA SER A 892 -8.71 25.59 -8.68
C SER A 892 -7.42 25.02 -9.28
N ALA A 893 -7.48 24.67 -10.56
CA ALA A 893 -6.34 24.14 -11.30
C ALA A 893 -5.27 25.19 -11.62
N VAL A 894 -5.66 26.47 -11.56
CA VAL A 894 -4.75 27.56 -11.88
C VAL A 894 -3.81 27.81 -10.70
N LYS A 895 -2.53 28.01 -11.03
CA LYS A 895 -1.43 27.82 -10.07
C LYS A 895 -1.31 28.82 -8.92
N ASN A 896 -1.40 30.11 -9.20
CA ASN A 896 -1.22 31.11 -8.15
C ASN A 896 -2.51 31.56 -7.50
N VAL A 897 -3.61 31.29 -8.16
CA VAL A 897 -4.94 31.55 -7.63
C VAL A 897 -5.15 30.77 -6.34
N GLY A 898 -5.50 31.47 -5.26
CA GLY A 898 -5.82 30.83 -3.99
C GLY A 898 -7.00 29.90 -4.12
N GLU A 899 -7.44 29.33 -3.02
CA GLU A 899 -8.67 28.55 -3.04
C GLU A 899 -9.86 29.44 -2.69
N MET A 900 -9.62 30.43 -1.82
CA MET A 900 -10.64 31.42 -1.47
C MET A 900 -11.04 32.23 -2.69
N ALA A 901 -10.03 32.54 -3.50
CA ALA A 901 -10.20 33.32 -4.71
C ALA A 901 -11.03 32.56 -5.76
N ALA A 902 -10.72 31.28 -5.94
CA ALA A 902 -11.45 30.46 -6.90
C ALA A 902 -12.94 30.41 -6.55
N ARG A 903 -13.26 30.13 -5.29
CA ARG A 903 -14.64 30.16 -4.86
C ARG A 903 -15.25 31.56 -4.97
N ALA A 904 -14.50 32.58 -4.57
CA ALA A 904 -14.93 33.96 -4.71
C ALA A 904 -15.38 34.27 -6.14
N ILE A 905 -14.50 33.99 -7.10
CA ILE A 905 -14.80 34.22 -8.52
C ILE A 905 -16.12 33.58 -8.90
N LEU A 906 -16.25 32.30 -8.57
CA LEU A 906 -17.45 31.53 -8.86
C LEU A 906 -18.71 32.08 -8.19
N GLU A 907 -18.59 32.48 -6.91
CA GLU A 907 -19.74 33.00 -6.18
C GLU A 907 -20.17 34.36 -6.70
N GLU A 908 -19.19 35.17 -7.08
CA GLU A 908 -19.46 36.47 -7.68
C GLU A 908 -20.13 36.29 -9.04
N ARG A 909 -19.74 35.25 -9.77
CA ARG A 909 -20.37 34.94 -11.05
C ARG A 909 -21.79 34.40 -10.87
N GLU A 910 -22.13 33.94 -9.67
CA GLU A 910 -23.46 33.41 -9.44
C GLU A 910 -24.45 34.46 -8.98
N ARG A 911 -23.99 35.49 -8.25
CA ARG A 911 -24.91 36.55 -7.79
C ARG A 911 -25.09 37.67 -8.83
N GLY A 912 -23.99 38.10 -9.43
CA GLY A 912 -24.02 38.90 -10.66
C GLY A 912 -24.01 37.90 -11.80
N GLY A 913 -24.18 38.36 -13.04
CA GLY A 913 -24.24 37.43 -14.17
C GLY A 913 -22.89 36.85 -14.56
N PRO A 914 -22.80 36.28 -15.79
CA PRO A 914 -21.50 35.97 -16.38
C PRO A 914 -20.70 37.24 -16.67
N PHE A 915 -19.38 37.16 -16.57
CA PHE A 915 -18.50 38.32 -16.76
C PHE A 915 -18.55 38.85 -18.20
N LYS A 916 -18.75 40.17 -18.31
CA LYS A 916 -18.95 40.83 -19.61
C LYS A 916 -17.65 41.24 -20.32
N SER A 917 -16.63 41.59 -19.55
CA SER A 917 -15.33 41.99 -20.07
C SER A 917 -14.27 41.90 -18.97
N LEU A 918 -13.02 42.21 -19.31
CA LEU A 918 -11.92 42.22 -18.34
C LEU A 918 -12.14 43.30 -17.27
N GLY A 919 -12.61 44.48 -17.69
CA GLY A 919 -12.93 45.57 -16.77
C GLY A 919 -14.02 45.13 -15.81
N ASP A 920 -15.11 44.60 -16.36
CA ASP A 920 -16.25 44.09 -15.57
C ASP A 920 -15.77 43.08 -14.54
N PHE A 921 -14.77 42.30 -14.90
CA PHE A 921 -14.18 41.31 -14.00
C PHE A 921 -13.43 42.01 -12.86
N LEU A 922 -12.65 43.03 -13.20
CA LEU A 922 -11.77 43.69 -12.22
C LEU A 922 -12.48 44.56 -11.20
N LYS A 923 -13.60 45.19 -11.60
CA LYS A 923 -14.38 46.01 -10.68
C LYS A 923 -15.29 45.14 -9.79
N ARG A 924 -15.72 44.00 -10.30
CA ARG A 924 -16.57 43.08 -9.54
C ARG A 924 -15.75 42.35 -8.48
N LEU A 925 -14.51 42.03 -8.82
CA LEU A 925 -13.61 41.34 -7.92
C LEU A 925 -12.43 42.24 -7.59
N PRO A 926 -12.48 42.93 -6.43
CA PRO A 926 -11.42 43.85 -6.05
C PRO A 926 -10.07 43.15 -5.95
N GLU A 927 -8.99 43.93 -6.01
CA GLU A 927 -7.64 43.40 -5.89
C GLU A 927 -7.41 42.73 -4.54
N GLN A 928 -8.22 43.13 -3.55
CA GLN A 928 -8.26 42.53 -2.22
C GLN A 928 -8.43 41.01 -2.28
N VAL A 929 -9.24 40.54 -3.23
CA VAL A 929 -9.62 39.14 -3.32
C VAL A 929 -8.78 38.39 -4.37
N VAL A 930 -8.78 38.90 -5.60
CA VAL A 930 -8.00 38.32 -6.67
C VAL A 930 -6.83 39.26 -6.98
N ASN A 931 -5.70 39.06 -6.30
CA ASN A 931 -4.52 39.93 -6.44
C ASN A 931 -3.89 39.88 -7.84
N LYS A 932 -2.98 40.83 -8.12
CA LYS A 932 -2.35 40.94 -9.44
C LYS A 932 -1.60 39.66 -9.87
N ARG A 933 -0.87 39.05 -8.94
CA ARG A 933 -0.22 37.77 -9.18
C ARG A 933 -1.26 36.73 -9.63
N ALA A 934 -2.37 36.64 -8.90
CA ALA A 934 -3.47 35.71 -9.24
C ALA A 934 -4.04 35.97 -10.63
N LEU A 935 -4.40 37.22 -10.88
CA LEU A 935 -4.91 37.64 -12.19
C LEU A 935 -4.00 37.20 -13.32
N GLU A 936 -2.69 37.32 -13.13
CA GLU A 936 -1.70 37.00 -14.16
C GLU A 936 -1.77 35.53 -14.57
N SER A 937 -1.74 34.64 -13.59
CA SER A 937 -1.85 33.20 -13.86
C SER A 937 -3.15 32.90 -14.60
N LEU A 938 -4.24 33.47 -14.11
CA LEU A 938 -5.58 33.30 -14.67
C LEU A 938 -5.63 33.61 -16.18
N VAL A 939 -4.95 34.69 -16.59
CA VAL A 939 -4.79 35.02 -18.01
C VAL A 939 -3.97 33.92 -18.71
N LYS A 940 -2.83 33.58 -18.12
CA LYS A 940 -1.89 32.60 -18.69
C LYS A 940 -2.50 31.22 -18.85
N ALA A 941 -3.43 30.88 -17.97
CA ALA A 941 -4.14 29.59 -18.02
C ALA A 941 -5.06 29.52 -19.23
N GLY A 942 -5.61 30.66 -19.61
CA GLY A 942 -6.59 30.76 -20.68
C GLY A 942 -7.99 30.97 -20.11
N ALA A 943 -8.05 31.26 -18.81
CA ALA A 943 -9.31 31.41 -18.08
C ALA A 943 -10.06 32.67 -18.48
N LEU A 944 -9.33 33.60 -19.09
CA LEU A 944 -9.91 34.88 -19.47
C LEU A 944 -9.85 35.10 -20.98
N ASP A 945 -9.56 34.02 -21.71
CA ASP A 945 -9.44 34.07 -23.18
C ASP A 945 -10.70 34.57 -23.88
N ALA A 946 -11.83 34.50 -23.18
CA ALA A 946 -13.11 35.01 -23.69
C ALA A 946 -13.10 36.53 -23.84
N PHE A 947 -11.99 37.16 -23.47
CA PHE A 947 -11.88 38.62 -23.54
C PHE A 947 -10.88 39.15 -24.56
N GLY A 948 -10.25 38.25 -25.32
CA GLY A 948 -9.33 38.65 -26.39
C GLY A 948 -7.92 38.09 -26.30
N ASP A 949 -6.98 38.79 -26.93
CA ASP A 949 -5.58 38.38 -27.01
C ASP A 949 -4.92 38.39 -25.63
N ARG A 950 -4.21 37.31 -25.33
CA ARG A 950 -3.58 37.12 -24.02
C ARG A 950 -2.50 38.13 -23.67
N ALA A 951 -1.55 38.32 -24.59
CA ALA A 951 -0.46 39.29 -24.41
C ALA A 951 -1.04 40.67 -24.13
N ARG A 952 -2.15 40.95 -24.82
CA ARG A 952 -2.87 42.19 -24.71
C ARG A 952 -3.56 42.27 -23.34
N LEU A 953 -4.09 41.15 -22.87
CA LEU A 953 -4.73 41.07 -21.55
C LEU A 953 -3.74 41.27 -20.40
N LEU A 954 -2.55 40.69 -20.51
CA LEU A 954 -1.49 40.81 -19.50
C LEU A 954 -1.02 42.25 -19.35
N ALA A 955 -0.83 42.93 -20.48
CA ALA A 955 -0.43 44.32 -20.49
C ALA A 955 -1.54 45.22 -19.96
N SER A 956 -2.79 44.90 -20.34
CA SER A 956 -3.96 45.70 -19.96
C SER A 956 -4.22 45.70 -18.45
N LEU A 957 -3.59 44.77 -17.73
CA LEU A 957 -3.89 44.55 -16.31
C LEU A 957 -3.72 45.76 -15.39
N GLU A 958 -2.48 46.23 -15.20
CA GLU A 958 -2.21 47.29 -14.23
C GLU A 958 -2.94 48.61 -14.51
N PRO A 959 -3.07 49.01 -15.79
CA PRO A 959 -3.91 50.17 -16.11
C PRO A 959 -5.36 49.99 -15.67
N LEU A 960 -5.93 48.82 -15.93
CA LEU A 960 -7.33 48.54 -15.58
C LEU A 960 -7.53 48.30 -14.08
N LEU A 961 -6.48 47.87 -13.40
CA LEU A 961 -6.50 47.77 -11.94
C LEU A 961 -6.56 49.14 -11.30
N ARG A 962 -5.74 50.07 -11.82
CA ARG A 962 -5.79 51.48 -11.44
C ARG A 962 -7.19 52.04 -11.71
N TRP A 963 -7.71 51.76 -12.91
CA TRP A 963 -9.05 52.17 -13.32
C TRP A 963 -10.11 51.66 -12.34
N ALA A 964 -10.08 50.37 -12.07
CA ALA A 964 -11.05 49.71 -11.19
C ALA A 964 -10.99 50.26 -9.77
N ALA A 965 -9.77 50.47 -9.26
CA ALA A 965 -9.58 51.04 -7.94
C ALA A 965 -10.12 52.48 -7.87
N GLU A 966 -10.01 53.19 -8.99
CA GLU A 966 -10.48 54.57 -9.09
C GLU A 966 -12.00 54.69 -9.19
N THR A 967 -12.63 53.65 -9.73
CA THR A 967 -14.09 53.62 -9.87
C THR A 967 -14.76 53.61 -8.48
N ARG A 968 -14.25 52.76 -7.59
CA ARG A 968 -14.75 52.68 -6.21
C ARG A 968 -14.54 53.97 -5.44
N GLU A 969 -13.44 54.68 -5.74
CA GLU A 969 -13.17 55.97 -5.11
C GLU A 969 -14.29 56.97 -5.40
N ARG A 970 -14.71 57.03 -6.66
CA ARG A 970 -15.82 57.87 -7.08
C ARG A 970 -17.14 57.31 -6.53
N GLY A 971 -17.24 55.99 -6.51
CA GLY A 971 -18.42 55.28 -6.02
C GLY A 971 -18.67 55.48 -4.53
N ARG A 972 -17.60 55.43 -3.73
CA ARG A 972 -17.68 55.66 -2.30
C ARG A 972 -17.47 57.15 -1.97
N SER A 973 -17.80 58.00 -2.93
CA SER A 973 -17.74 59.45 -2.76
C SER A 973 -19.01 60.06 -3.36
N GLY A 974 -20.12 59.34 -3.21
CA GLY A 974 -21.38 59.70 -3.86
C GLY A 974 -21.36 59.21 -5.30
N LEU A 975 -21.76 60.10 -6.22
CA LEU A 975 -21.72 59.86 -7.67
C LEU A 975 -22.51 58.60 -8.13
N VAL A 976 -23.58 58.85 -8.89
CA VAL A 976 -24.60 57.83 -9.22
C VAL A 976 -24.09 56.63 -10.04
N GLY A 977 -24.06 56.75 -11.36
CA GLY A 977 -23.70 55.63 -12.24
C GLY A 977 -23.06 56.06 -13.55
N LEU A 978 -23.48 57.21 -14.07
CA LEU A 978 -22.85 57.84 -15.23
C LEU A 978 -21.73 58.78 -14.77
N PHE A 979 -21.93 59.40 -13.62
CA PHE A 979 -20.96 60.32 -13.00
C PHE A 979 -19.86 59.54 -12.28
N ALA A 980 -20.13 58.27 -11.99
CA ALA A 980 -19.21 57.40 -11.25
C ALA A 980 -18.48 56.39 -12.13
N GLU A 981 -18.72 56.45 -13.44
CA GLU A 981 -18.06 55.56 -14.39
C GLU A 981 -17.77 56.16 -15.76
N VAL A 982 -16.48 56.38 -16.04
CA VAL A 982 -16.00 56.62 -17.39
C VAL A 982 -15.65 55.24 -17.92
N GLU A 983 -16.64 54.55 -18.48
CA GLU A 983 -16.58 53.10 -18.67
C GLU A 983 -15.30 52.58 -19.35
N GLU A 984 -14.83 51.46 -18.82
CA GLU A 984 -13.56 50.81 -19.18
C GLU A 984 -13.01 51.11 -20.57
N PRO A 985 -11.75 51.59 -20.60
CA PRO A 985 -11.04 51.89 -21.84
C PRO A 985 -10.87 50.62 -22.66
N PRO A 986 -10.51 50.76 -23.96
CA PRO A 986 -10.23 49.57 -24.77
C PRO A 986 -9.06 48.75 -24.21
N LEU A 987 -8.80 47.61 -24.83
CA LEU A 987 -7.74 46.70 -24.41
C LEU A 987 -6.37 47.23 -24.86
N VAL A 988 -5.49 47.53 -23.89
CA VAL A 988 -4.15 48.05 -24.16
C VAL A 988 -3.39 47.16 -25.16
N GLU A 989 -3.00 47.75 -26.29
CA GLU A 989 -2.47 46.98 -27.42
C GLU A 989 -1.03 46.45 -27.25
N ALA A 990 -0.81 45.27 -27.83
CA ALA A 990 0.51 44.63 -27.85
C ALA A 990 0.48 43.49 -28.88
N SER A 991 1.66 43.10 -29.36
CA SER A 991 1.79 42.02 -30.36
C SER A 991 1.47 40.63 -29.76
N PRO A 992 0.75 39.77 -30.53
CA PRO A 992 0.39 38.42 -30.08
C PRO A 992 1.58 37.56 -29.66
N LEU A 993 1.39 36.72 -28.65
CA LEU A 993 2.43 35.82 -28.15
C LEU A 993 2.75 34.73 -29.17
N ASP A 994 4.03 34.35 -29.25
CA ASP A 994 4.45 33.20 -30.07
C ASP A 994 4.09 31.90 -29.35
N GLU A 995 4.11 30.80 -30.08
CA GLU A 995 3.71 29.49 -29.52
C GLU A 995 4.56 29.03 -28.35
N ILE A 996 5.88 29.10 -28.47
CA ILE A 996 6.79 28.68 -27.39
C ILE A 996 6.47 29.42 -26.09
N THR A 997 6.42 30.75 -26.16
CA THR A 997 6.18 31.58 -24.97
C THR A 997 4.76 31.41 -24.42
N MET A 998 3.78 31.21 -25.31
CA MET A 998 2.39 30.99 -24.89
C MET A 998 2.25 29.65 -24.20
N LEU A 999 2.85 28.61 -24.78
CA LEU A 999 2.86 27.28 -24.20
C LEU A 999 3.62 27.27 -22.88
N ARG A 1000 4.69 28.05 -22.82
CA ARG A 1000 5.50 28.22 -21.60
C ARG A 1000 4.65 28.75 -20.43
N TYR A 1001 3.85 29.78 -20.73
CA TYR A 1001 2.97 30.38 -19.72
C TYR A 1001 1.91 29.42 -19.22
N GLU A 1002 1.29 28.69 -20.15
CA GLU A 1002 0.29 27.67 -19.80
C GLU A 1002 0.80 26.73 -18.73
N LYS A 1003 1.99 26.16 -18.96
CA LYS A 1003 2.60 25.20 -18.04
C LYS A 1003 2.83 25.82 -16.66
N GLU A 1004 3.38 27.04 -16.64
CA GLU A 1004 3.61 27.78 -15.40
C GLU A 1004 2.30 27.98 -14.62
N ALA A 1005 1.19 28.11 -15.36
CA ALA A 1005 -0.10 28.44 -14.77
C ALA A 1005 -0.93 27.21 -14.46
N LEU A 1006 -0.67 26.12 -15.17
CA LEU A 1006 -1.47 24.90 -15.01
C LEU A 1006 -0.68 23.65 -14.67
N GLY A 1007 0.64 23.75 -14.64
CA GLY A 1007 1.49 22.61 -14.37
C GLY A 1007 1.78 21.80 -15.62
N ILE A 1008 0.81 21.78 -16.52
CA ILE A 1008 0.88 21.00 -17.76
C ILE A 1008 0.63 21.90 -18.96
N TYR A 1009 0.97 21.42 -20.15
CA TYR A 1009 0.59 22.10 -21.38
C TYR A 1009 -0.81 21.65 -21.80
N VAL A 1010 -1.64 22.59 -22.24
CA VAL A 1010 -2.95 22.29 -22.82
C VAL A 1010 -2.95 22.88 -24.22
N SER A 1011 -3.38 22.09 -25.20
CA SER A 1011 -3.37 22.52 -26.61
C SER A 1011 -1.95 22.85 -27.13
N GLY A 1012 -1.22 21.81 -27.51
CA GLY A 1012 0.14 21.94 -28.04
C GLY A 1012 1.26 21.50 -27.11
N HIS A 1013 2.44 21.36 -27.68
CA HIS A 1013 3.66 21.08 -26.93
C HIS A 1013 4.83 21.76 -27.66
N PRO A 1014 5.67 22.49 -26.92
CA PRO A 1014 6.85 23.18 -27.45
C PRO A 1014 7.66 22.40 -28.50
N VAL A 1015 7.81 21.09 -28.31
CA VAL A 1015 8.60 20.24 -29.23
C VAL A 1015 8.00 20.13 -30.63
N LEU A 1016 6.67 20.12 -30.70
CA LEU A 1016 5.97 20.00 -31.98
C LEU A 1016 6.09 21.24 -32.86
N ARG A 1017 6.74 22.29 -32.37
CA ARG A 1017 6.94 23.49 -33.17
C ARG A 1017 8.06 23.30 -34.20
N TYR A 1018 9.19 22.74 -33.76
CA TYR A 1018 10.29 22.39 -34.68
C TYR A 1018 10.48 20.88 -34.84
N PRO A 1019 9.92 20.31 -35.92
CA PRO A 1019 9.87 18.87 -36.14
C PRO A 1019 11.23 18.29 -36.52
N GLY A 1020 12.24 19.14 -36.63
CA GLY A 1020 13.61 18.70 -36.90
C GLY A 1020 14.07 17.61 -35.94
N LEU A 1021 13.80 17.80 -34.65
CA LEU A 1021 14.18 16.85 -33.60
C LEU A 1021 13.33 15.58 -33.64
N ARG A 1022 12.02 15.75 -33.80
CA ARG A 1022 11.07 14.64 -33.91
C ARG A 1022 11.56 13.55 -34.88
N GLU A 1023 12.09 14.00 -36.02
CA GLU A 1023 12.48 13.12 -37.13
C GLU A 1023 13.74 12.31 -36.87
N VAL A 1024 14.65 12.89 -36.09
CA VAL A 1024 15.92 12.24 -35.78
C VAL A 1024 15.75 11.21 -34.66
N ALA A 1025 14.94 11.57 -33.67
CA ALA A 1025 14.63 10.72 -32.53
C ALA A 1025 14.32 9.30 -32.97
N SER A 1026 15.06 8.35 -32.41
CA SER A 1026 14.90 6.94 -32.73
C SER A 1026 13.60 6.37 -32.19
N CYS A 1027 12.88 7.18 -31.42
CA CYS A 1027 11.75 6.73 -30.63
C CYS A 1027 10.94 7.92 -30.13
N THR A 1028 9.79 7.63 -29.54
CA THR A 1028 9.03 8.61 -28.77
C THR A 1028 9.08 8.16 -27.31
N ILE A 1029 8.83 9.07 -26.36
CA ILE A 1029 8.90 8.70 -24.93
C ILE A 1029 8.00 7.50 -24.62
N GLU A 1030 6.77 7.55 -25.12
CA GLU A 1030 5.81 6.47 -24.96
C GLU A 1030 6.35 5.13 -25.48
N GLU A 1031 6.89 5.14 -26.70
CA GLU A 1031 7.31 3.92 -27.38
C GLU A 1031 8.55 3.22 -26.81
N LEU A 1032 9.29 3.91 -25.92
CA LEU A 1032 10.56 3.40 -25.38
C LEU A 1032 10.53 1.96 -24.90
N SER A 1033 9.72 1.69 -23.87
CA SER A 1033 9.58 0.37 -23.29
C SER A 1033 9.25 -0.68 -24.36
N GLU A 1034 8.21 -0.40 -25.13
CA GLU A 1034 7.74 -1.28 -26.21
C GLU A 1034 8.80 -1.52 -27.29
N PHE A 1035 9.56 -0.49 -27.64
CA PHE A 1035 10.58 -0.57 -28.70
C PHE A 1035 11.86 -1.27 -28.22
N VAL A 1036 12.31 -0.93 -27.01
CA VAL A 1036 13.59 -1.41 -26.48
C VAL A 1036 13.60 -2.89 -26.08
N ARG A 1037 12.61 -3.31 -25.29
CA ARG A 1037 12.51 -4.69 -24.80
C ARG A 1037 13.14 -5.70 -25.77
N GLU A 1038 12.63 -5.73 -27.00
CA GLU A 1038 13.16 -6.60 -28.03
C GLU A 1038 14.25 -5.88 -28.81
N LEU A 1039 15.50 -6.14 -28.42
CA LEU A 1039 16.70 -5.54 -29.02
C LEU A 1039 17.91 -6.33 -28.48
N PRO A 1040 19.10 -5.69 -28.29
CA PRO A 1040 20.10 -6.46 -27.55
C PRO A 1040 20.01 -6.21 -26.04
N GLY A 1041 20.99 -6.76 -25.30
CA GLY A 1041 21.07 -6.56 -23.85
C GLY A 1041 21.58 -5.19 -23.47
N LYS A 1042 20.71 -4.40 -22.82
CA LYS A 1042 21.00 -3.02 -22.36
C LYS A 1042 21.49 -2.12 -23.51
N PRO A 1043 20.56 -1.66 -24.36
CA PRO A 1043 20.89 -0.91 -25.57
C PRO A 1043 21.12 0.59 -25.36
N LYS A 1044 21.61 1.24 -26.40
CA LYS A 1044 21.74 2.69 -26.46
C LYS A 1044 20.67 3.22 -27.41
N VAL A 1045 20.25 4.47 -27.21
CA VAL A 1045 19.13 5.06 -27.95
C VAL A 1045 19.19 6.58 -27.97
N LEU A 1046 18.61 7.19 -29.00
CA LEU A 1046 18.51 8.65 -29.06
C LEU A 1046 17.07 9.17 -28.94
N LEU A 1047 16.84 9.99 -27.92
CA LEU A 1047 15.53 10.59 -27.67
C LEU A 1047 15.62 12.11 -27.71
N SER A 1048 14.58 12.75 -28.21
CA SER A 1048 14.53 14.20 -28.25
C SER A 1048 13.24 14.72 -27.66
N GLY A 1049 13.36 15.72 -26.78
CA GLY A 1049 12.21 16.34 -26.13
C GLY A 1049 12.56 17.67 -25.49
N MET A 1050 11.93 17.96 -24.36
CA MET A 1050 12.14 19.23 -23.64
C MET A 1050 12.76 18.98 -22.26
N VAL A 1051 13.54 19.95 -21.76
CA VAL A 1051 14.19 19.82 -20.45
C VAL A 1051 13.42 20.56 -19.37
N GLU A 1052 13.32 19.95 -18.19
CA GLU A 1052 12.51 20.49 -17.10
C GLU A 1052 13.09 20.34 -15.67
N GLU A 1053 14.42 20.37 -15.55
CA GLU A 1053 15.06 20.23 -14.24
C GLU A 1053 16.34 21.06 -14.05
N VAL A 1054 16.48 21.62 -12.85
CA VAL A 1054 17.66 22.40 -12.46
C VAL A 1054 18.92 21.54 -12.47
N ARG A 1067 19.82 14.46 -12.95
CA ARG A 1067 18.42 14.03 -12.97
C ARG A 1067 17.49 15.05 -13.64
N PHE A 1068 17.82 15.41 -14.88
CA PHE A 1068 16.94 16.29 -15.65
C PHE A 1068 15.79 15.48 -16.25
N THR A 1069 14.63 16.11 -16.42
CA THR A 1069 13.46 15.43 -16.98
C THR A 1069 13.21 15.82 -18.45
N LEU A 1070 13.09 14.82 -19.32
CA LEU A 1070 12.84 15.05 -20.74
C LEU A 1070 11.41 14.69 -21.12
N SER A 1071 10.77 15.57 -21.89
CA SER A 1071 9.35 15.40 -22.24
C SER A 1071 8.97 15.54 -23.72
N ASP A 1072 8.22 14.55 -24.22
CA ASP A 1072 7.61 14.57 -25.55
C ASP A 1072 6.19 15.06 -25.44
N GLU A 1073 5.49 15.06 -26.57
CA GLU A 1073 4.05 15.28 -26.57
C GLU A 1073 3.37 13.98 -26.11
N THR A 1074 4.19 13.03 -25.67
CA THR A 1074 3.75 11.67 -25.36
C THR A 1074 4.12 11.20 -23.95
N GLY A 1075 4.90 12.00 -23.22
CA GLY A 1075 5.28 11.65 -21.85
C GLY A 1075 6.58 12.26 -21.37
N ALA A 1076 7.04 11.83 -20.20
CA ALA A 1076 8.27 12.33 -19.61
C ALA A 1076 9.18 11.20 -19.10
N LEU A 1077 10.41 11.53 -18.76
CA LEU A 1077 11.39 10.55 -18.29
C LEU A 1077 12.40 11.14 -17.32
N GLU A 1078 12.79 10.32 -16.35
CA GLU A 1078 13.98 10.60 -15.55
C GLU A 1078 15.20 10.24 -16.39
N VAL A 1079 16.19 11.13 -16.46
CA VAL A 1079 17.41 10.87 -17.25
C VAL A 1079 18.62 11.61 -16.69
N VAL A 1080 19.70 10.86 -16.44
CA VAL A 1080 20.93 11.42 -15.85
C VAL A 1080 22.13 11.14 -16.75
N LYS A 1094 18.91 25.25 -19.20
CA LYS A 1094 18.02 24.62 -18.23
C LYS A 1094 16.63 24.38 -18.81
N GLU A 1095 15.59 24.91 -18.15
CA GLU A 1095 14.20 24.64 -18.55
C GLU A 1095 13.79 25.31 -19.87
N ASP A 1096 12.79 24.72 -20.53
CA ASP A 1096 12.29 25.17 -21.84
C ASP A 1096 13.38 25.36 -22.91
N ILE A 1097 14.30 24.40 -22.97
CA ILE A 1097 15.29 24.30 -24.04
C ILE A 1097 15.24 22.86 -24.58
N PRO A 1098 15.03 22.71 -25.90
CA PRO A 1098 14.97 21.38 -26.53
C PRO A 1098 16.35 20.73 -26.64
N LEU A 1099 16.39 19.41 -26.51
CA LEU A 1099 17.63 18.63 -26.64
C LEU A 1099 17.43 17.29 -27.32
N LEU A 1100 18.43 16.85 -28.07
CA LEU A 1100 18.52 15.48 -28.52
C LEU A 1100 19.44 14.81 -27.53
N VAL A 1101 19.15 13.56 -27.17
CA VAL A 1101 19.93 12.86 -26.15
C VAL A 1101 20.29 11.43 -26.57
N LEU A 1102 21.58 11.08 -26.49
CA LEU A 1102 22.04 9.71 -26.64
C LEU A 1102 22.22 9.08 -25.26
N ALA A 1103 21.53 7.97 -25.02
CA ALA A 1103 21.48 7.38 -23.67
C ALA A 1103 21.33 5.86 -23.64
N GLU A 1104 21.82 5.25 -22.56
CA GLU A 1104 21.64 3.80 -22.32
C GLU A 1104 20.39 3.46 -21.51
N VAL A 1105 19.74 2.37 -21.91
CA VAL A 1105 18.47 1.96 -21.32
C VAL A 1105 18.56 0.56 -20.70
N GLU A 1106 17.92 0.39 -19.54
CA GLU A 1106 17.86 -0.90 -18.85
C GLU A 1106 16.43 -1.34 -18.59
N ARG A 1112 14.87 2.50 -16.55
CA ARG A 1112 15.65 3.71 -16.32
C ARG A 1112 16.57 4.05 -17.50
N VAL A 1113 16.92 5.32 -17.63
CA VAL A 1113 17.71 5.84 -18.77
C VAL A 1113 18.91 6.67 -18.30
N LEU A 1114 20.10 6.35 -18.81
CA LEU A 1114 21.33 7.04 -18.44
C LEU A 1114 21.97 7.76 -19.64
N ALA A 1115 22.00 9.08 -19.57
CA ALA A 1115 22.53 9.92 -20.66
C ALA A 1115 24.03 9.75 -20.86
N GLN A 1116 24.46 9.77 -22.12
CA GLN A 1116 25.88 9.67 -22.49
C GLN A 1116 26.35 10.82 -23.37
N ALA A 1117 25.44 11.38 -24.16
CA ALA A 1117 25.74 12.52 -25.02
C ALA A 1117 24.50 13.38 -25.24
N VAL A 1118 24.72 14.67 -25.53
CA VAL A 1118 23.63 15.63 -25.70
C VAL A 1118 23.96 16.69 -26.76
N TRP A 1119 22.95 17.10 -27.53
CA TRP A 1119 23.11 18.18 -28.52
C TRP A 1119 21.95 19.17 -28.48
N THR A 1120 22.24 20.44 -28.72
CA THR A 1120 21.22 21.50 -28.70
C THR A 1120 20.48 21.59 -30.04
N LEU A 1121 19.37 22.33 -30.03
CA LEU A 1121 18.55 22.54 -31.23
C LEU A 1121 19.36 23.08 -32.40
N GLU A 1122 20.16 24.12 -32.13
CA GLU A 1122 20.96 24.78 -33.16
C GLU A 1122 22.09 23.88 -33.65
N GLU A 1123 22.57 23.01 -32.78
CA GLU A 1123 23.59 22.02 -33.15
C GLU A 1123 23.04 20.98 -34.12
N VAL A 1124 21.85 20.47 -33.83
CA VAL A 1124 21.17 19.48 -34.68
C VAL A 1124 20.82 20.07 -36.06
N LEU A 1125 20.35 21.31 -36.08
CA LEU A 1125 20.01 22.01 -37.33
C LEU A 1125 21.25 22.43 -38.14
N GLU A 1126 22.43 22.05 -37.66
CA GLU A 1126 23.70 22.32 -38.33
C GLU A 1126 24.33 21.08 -38.95
N ALA A 1127 24.23 19.94 -38.25
CA ALA A 1127 24.70 18.66 -38.77
C ALA A 1127 24.00 18.34 -40.10
N PRO A 1128 24.77 17.86 -41.10
CA PRO A 1128 24.30 17.68 -42.49
C PRO A 1128 22.99 16.94 -42.58
N LYS A 1129 22.15 17.31 -43.55
CA LYS A 1129 20.80 16.77 -43.64
C LYS A 1129 20.61 15.64 -44.65
N ALA A 1130 19.59 14.82 -44.41
CA ALA A 1130 19.24 13.67 -45.25
C ALA A 1130 17.77 13.73 -45.70
N LEU A 1131 17.45 13.09 -46.82
CA LEU A 1131 16.08 13.05 -47.31
C LEU A 1131 15.32 11.86 -46.74
N GLU A 1132 14.15 12.15 -46.19
CA GLU A 1132 13.27 11.13 -45.66
C GLU A 1132 11.96 11.18 -46.41
N VAL A 1133 11.58 10.05 -47.00
CA VAL A 1133 10.30 9.91 -47.66
C VAL A 1133 9.40 9.17 -46.68
N GLU A 1134 8.12 9.48 -46.68
CA GLU A 1134 7.16 8.79 -45.82
C GLU A 1134 6.14 8.01 -46.64
N VAL A 1135 6.25 6.69 -46.56
CA VAL A 1135 5.46 5.78 -47.39
C VAL A 1135 4.44 5.05 -46.55
N ASP A 1136 3.26 4.83 -47.13
CA ASP A 1136 2.21 4.07 -46.46
C ASP A 1136 2.40 2.56 -46.67
N HIS A 1137 1.59 1.76 -45.99
CA HIS A 1137 1.58 0.31 -46.20
C HIS A 1137 0.98 -0.03 -47.56
N ALA A 1138 0.08 0.83 -48.04
CA ALA A 1138 -0.49 0.71 -49.38
C ALA A 1138 0.52 1.21 -50.43
N LEU A 1139 1.42 0.32 -50.83
CA LEU A 1139 2.40 0.60 -51.89
C LEU A 1139 2.49 -0.61 -52.81
N LEU A 1140 2.44 -0.37 -54.12
CA LEU A 1140 2.49 -1.45 -55.12
C LEU A 1140 3.87 -2.10 -55.22
N ASP A 1141 3.92 -3.23 -55.91
CA ASP A 1141 5.19 -3.85 -56.30
C ASP A 1141 5.90 -2.92 -57.28
N GLU A 1142 5.13 -2.33 -58.19
CA GLU A 1142 5.64 -1.43 -59.22
C GLU A 1142 5.83 0.00 -58.71
N LYS A 1143 6.34 0.11 -57.48
CA LYS A 1143 6.63 1.40 -56.85
C LYS A 1143 7.93 1.29 -56.06
N GLY A 1144 8.01 0.25 -55.23
CA GLY A 1144 9.21 -0.01 -54.44
C GLY A 1144 10.32 -0.56 -55.31
N ALA A 1146 9.47 -0.23 -58.65
CA ALA A 1146 10.71 0.54 -58.80
C ALA A 1146 10.45 2.00 -59.20
N ARG A 1147 9.22 2.47 -58.96
CA ARG A 1147 8.83 3.87 -59.17
C ARG A 1147 9.72 4.80 -58.35
N LEU A 1148 9.61 4.65 -57.03
CA LEU A 1148 10.40 5.42 -56.08
C LEU A 1148 11.88 5.11 -56.28
N LYS A 1149 12.18 3.83 -56.53
CA LYS A 1149 13.57 3.40 -56.69
C LYS A 1149 14.29 4.06 -57.86
N SER A 1150 13.59 4.31 -58.96
CA SER A 1150 14.19 4.95 -60.13
C SER A 1150 14.26 6.47 -59.97
N LEU A 1151 13.24 7.04 -59.34
CA LEU A 1151 13.20 8.48 -59.06
C LEU A 1151 14.47 8.91 -58.34
N LEU A 1152 14.89 8.12 -57.35
CA LEU A 1152 16.09 8.38 -56.58
C LEU A 1152 17.34 7.99 -57.35
N ASP A 1153 17.24 6.94 -58.16
CA ASP A 1153 18.37 6.46 -58.99
C ASP A 1153 18.89 7.55 -59.93
N GLU A 1154 18.00 8.43 -60.35
CA GLU A 1154 18.32 9.46 -61.34
C GLU A 1154 18.90 10.76 -60.75
N HIS A 1155 19.00 10.85 -59.44
CA HIS A 1155 19.55 12.05 -58.79
C HIS A 1155 20.61 11.74 -57.73
N PRO A 1156 21.81 11.29 -58.16
CA PRO A 1156 22.87 10.92 -57.22
C PRO A 1156 23.45 12.12 -56.46
N GLY A 1157 24.20 11.80 -55.39
CA GLY A 1157 24.81 12.79 -54.51
C GLY A 1157 25.42 12.10 -53.30
N SER A 1158 25.08 12.59 -52.10
CA SER A 1158 25.60 12.00 -50.87
C SER A 1158 24.71 12.18 -49.63
N LEU A 1159 23.40 12.38 -49.84
CA LEU A 1159 22.45 12.34 -48.73
C LEU A 1159 21.87 10.93 -48.62
N PRO A 1160 21.91 10.34 -47.41
CA PRO A 1160 21.25 9.06 -47.23
C PRO A 1160 19.73 9.21 -47.38
N VAL A 1161 19.06 8.16 -47.80
CA VAL A 1161 17.61 8.18 -47.94
C VAL A 1161 16.98 7.28 -46.89
N TYR A 1162 16.07 7.84 -46.12
CA TYR A 1162 15.37 7.10 -45.08
C TYR A 1162 13.91 6.91 -45.50
N LEU A 1163 13.29 5.87 -44.97
CA LEU A 1163 11.88 5.61 -45.24
C LEU A 1163 11.12 5.32 -43.96
N ARG A 1164 10.03 6.06 -43.75
CA ARG A 1164 9.09 5.76 -42.69
C ARG A 1164 7.99 4.91 -43.27
N VAL A 1165 7.97 3.63 -42.89
CA VAL A 1165 6.95 2.71 -43.39
C VAL A 1165 5.91 2.47 -42.29
N LEU A 1166 4.81 3.23 -42.37
CA LEU A 1166 3.69 3.06 -41.45
C LEU A 1166 3.06 1.67 -41.65
N GLY A 1167 3.55 0.72 -40.86
CA GLY A 1167 3.13 -0.69 -40.94
C GLY A 1167 1.80 -0.97 -40.26
N PRO A 1168 1.37 -2.25 -40.26
CA PRO A 1168 0.08 -2.63 -39.69
C PRO A 1168 0.07 -2.44 -38.17
N PHE A 1169 1.17 -2.82 -37.53
CA PHE A 1169 1.36 -2.66 -36.08
C PHE A 1169 2.79 -2.22 -35.77
N GLY A 1170 3.01 -0.91 -35.81
CA GLY A 1170 4.34 -0.35 -35.60
C GLY A 1170 4.86 0.40 -36.81
N GLU A 1171 5.76 1.35 -36.56
CA GLU A 1171 6.30 2.22 -37.59
C GLU A 1171 7.79 1.97 -37.77
N ALA A 1172 8.14 1.26 -38.83
CA ALA A 1172 9.54 0.90 -39.13
C ALA A 1172 10.34 2.04 -39.77
N LEU A 1173 11.66 1.98 -39.58
CA LEU A 1173 12.56 2.99 -40.12
C LEU A 1173 13.64 2.39 -40.99
N PHE A 1174 13.32 2.19 -42.28
CA PHE A 1174 14.28 1.63 -43.23
C PHE A 1174 15.12 2.70 -43.92
N ALA A 1175 16.38 2.81 -43.52
CA ALA A 1175 17.36 3.60 -44.27
C ALA A 1175 17.69 2.80 -45.51
N LEU A 1176 17.83 3.49 -46.64
CA LEU A 1176 17.82 2.84 -47.95
C LEU A 1176 18.87 1.74 -48.17
N ARG A 1177 19.95 2.07 -48.87
CA ARG A 1177 20.98 1.08 -49.22
C ARG A 1177 22.19 1.72 -49.88
N GLU A 1178 22.21 1.62 -51.20
CA GLU A 1178 23.29 2.09 -52.05
C GLU A 1178 23.04 3.53 -52.46
N VAL A 1179 21.79 3.81 -52.85
CA VAL A 1179 21.38 5.12 -53.36
C VAL A 1179 21.65 6.25 -52.38
N ARG A 1180 22.25 7.31 -52.90
CA ARG A 1180 22.53 8.53 -52.14
C ARG A 1180 22.10 9.73 -52.98
N VAL A 1181 21.00 10.35 -52.58
CA VAL A 1181 20.40 11.46 -53.32
C VAL A 1181 21.19 12.76 -53.17
N GLY A 1182 21.03 13.67 -54.13
CA GLY A 1182 21.77 14.93 -54.12
C GLY A 1182 20.99 16.20 -53.82
N GLU A 1183 20.06 16.11 -52.86
CA GLU A 1183 19.27 17.26 -52.38
C GLU A 1183 18.09 17.70 -53.28
N GLU A 1184 18.38 17.99 -54.54
CA GLU A 1184 17.38 18.46 -55.52
C GLU A 1184 16.15 17.55 -55.57
N ALA A 1185 16.36 16.29 -55.19
CA ALA A 1185 15.33 15.26 -55.27
C ALA A 1185 14.09 15.51 -54.41
N LEU A 1186 14.19 16.35 -53.38
CA LEU A 1186 13.06 16.65 -52.49
C LEU A 1186 11.89 17.27 -53.25
N GLY A 1187 12.17 18.36 -53.96
CA GLY A 1187 11.18 19.06 -54.76
C GLY A 1187 10.57 18.18 -55.82
N LEU A 1188 11.41 17.40 -56.50
CA LEU A 1188 10.97 16.50 -57.57
C LEU A 1188 10.27 15.25 -57.04
N LEU A 1189 10.46 14.96 -55.75
CA LEU A 1189 9.82 13.82 -55.10
C LEU A 1189 8.45 14.20 -54.54
N GLU A 1190 8.36 15.41 -53.99
CA GLU A 1190 7.07 15.96 -53.55
C GLU A 1190 6.22 16.31 -54.76
N ALA A 1191 6.77 16.07 -55.95
CA ALA A 1191 6.06 16.23 -57.22
C ALA A 1191 5.39 14.92 -57.64
N GLU A 1192 4.96 14.15 -56.64
CA GLU A 1192 4.20 12.92 -56.81
C GLU A 1192 3.54 12.60 -55.47
N GLY A 1193 2.76 11.53 -55.42
CA GLY A 1193 2.00 11.15 -54.22
C GLY A 1193 2.80 10.85 -52.96
N TYR A 1194 4.06 11.28 -52.92
CA TYR A 1194 4.96 11.03 -51.79
C TYR A 1194 5.24 12.28 -50.95
N ARG A 1195 5.06 12.16 -49.64
CA ARG A 1195 5.41 13.20 -48.67
C ARG A 1195 6.87 13.05 -48.23
N ALA A 1196 7.60 14.15 -48.20
CA ALA A 1196 9.03 14.11 -47.89
C ALA A 1196 9.55 15.31 -47.12
N TYR A 1197 10.67 15.11 -46.42
CA TYR A 1197 11.28 16.13 -45.60
C TYR A 1197 12.80 16.03 -45.64
N LEU A 1198 13.47 17.18 -45.49
CA LEU A 1198 14.90 17.19 -45.34
C LEU A 1198 15.22 17.17 -43.84
N VAL A 1199 15.45 15.96 -43.32
CA VAL A 1199 15.69 15.75 -41.89
C VAL A 1199 17.19 15.67 -41.60
N PRO A 1200 17.63 16.08 -40.39
CA PRO A 1200 19.04 15.91 -40.04
C PRO A 1200 19.47 14.44 -40.05
N ASP A 1201 20.71 14.19 -40.45
CA ASP A 1201 21.23 12.83 -40.59
C ASP A 1201 21.40 12.13 -39.26
N ARG A 1202 20.75 10.98 -39.15
CA ARG A 1202 20.72 10.18 -37.93
C ARG A 1202 22.10 9.63 -37.54
N GLU A 1203 22.95 9.39 -38.55
CA GLU A 1203 24.29 8.79 -38.36
C GLU A 1203 25.15 9.54 -37.35
N VAL A 1204 25.32 10.83 -37.57
CA VAL A 1204 26.19 11.70 -36.77
C VAL A 1204 26.12 11.49 -35.24
N PHE A 1205 24.94 11.09 -34.76
CA PHE A 1205 24.68 11.08 -33.33
C PHE A 1205 24.87 9.67 -32.75
#